data_2D9G
#
_entry.id   2D9G
#
loop_
_entity.id
_entity.type
_entity.pdbx_description
1 polymer 'YY1-associated factor 2'
2 non-polymer 'ZINC ION'
#
_entity_poly.entity_id   1
_entity_poly.type   'polypeptide(L)'
_entity_poly.pdbx_seq_one_letter_code
;GSSGSSGDEGYWDCSVCTFRNSAEAFKCMMCDVRKGTSTRKPRPVSQSGPSSG
;
_entity_poly.pdbx_strand_id   A
#
loop_
_chem_comp.id
_chem_comp.type
_chem_comp.name
_chem_comp.formula
ZN non-polymer 'ZINC ION' 'Zn 2'
#
# COMPACT_ATOMS: atom_id res chain seq x y z
N GLY A 1 11.56 11.49 14.45
CA GLY A 1 11.35 12.57 13.50
C GLY A 1 10.11 13.38 13.82
N SER A 2 8.94 12.82 13.55
CA SER A 2 7.68 13.49 13.80
C SER A 2 6.78 12.67 14.73
N SER A 3 5.97 13.35 15.51
CA SER A 3 5.07 12.69 16.45
C SER A 3 3.66 13.26 16.35
N GLY A 4 2.72 12.42 15.90
CA GLY A 4 1.35 12.86 15.76
C GLY A 4 0.62 12.15 14.64
N SER A 5 0.11 10.95 14.94
CA SER A 5 -0.61 10.16 13.95
C SER A 5 -1.91 10.85 13.54
N SER A 6 -1.95 11.33 12.30
CA SER A 6 -3.12 12.02 11.78
C SER A 6 -4.25 11.03 11.49
N GLY A 7 -3.92 9.96 10.76
CA GLY A 7 -4.91 8.95 10.43
C GLY A 7 -4.49 7.56 10.84
N ASP A 8 -3.92 6.82 9.89
CA ASP A 8 -3.46 5.46 10.16
C ASP A 8 -2.05 5.24 9.61
N GLU A 9 -1.15 4.80 10.47
CA GLU A 9 0.24 4.55 10.08
C GLU A 9 0.36 3.22 9.36
N GLY A 10 1.47 3.05 8.63
CA GLY A 10 1.69 1.81 7.89
C GLY A 10 2.42 2.04 6.59
N TYR A 11 3.48 2.85 6.63
CA TYR A 11 4.26 3.14 5.45
C TYR A 11 4.94 1.89 4.91
N TRP A 12 4.93 1.74 3.59
CA TRP A 12 5.54 0.58 2.94
C TRP A 12 6.79 0.98 2.17
N ASP A 13 7.89 0.28 2.40
CA ASP A 13 9.14 0.57 1.72
C ASP A 13 9.16 -0.06 0.33
N CYS A 14 9.19 0.79 -0.70
CA CYS A 14 9.20 0.33 -2.08
C CYS A 14 10.38 -0.60 -2.33
N SER A 15 10.33 -1.33 -3.43
CA SER A 15 11.41 -2.26 -3.79
C SER A 15 12.11 -1.81 -5.07
N VAL A 16 11.34 -1.21 -5.98
CA VAL A 16 11.89 -0.74 -7.24
C VAL A 16 12.90 0.38 -7.02
N CYS A 17 12.47 1.44 -6.35
CA CYS A 17 13.34 2.57 -6.07
C CYS A 17 13.74 2.61 -4.59
N THR A 18 13.23 1.64 -3.83
CA THR A 18 13.54 1.56 -2.41
C THR A 18 13.20 2.86 -1.69
N PHE A 19 12.17 3.54 -2.17
CA PHE A 19 11.75 4.80 -1.58
C PHE A 19 10.70 4.57 -0.49
N ARG A 20 10.53 5.56 0.38
CA ARG A 20 9.57 5.46 1.46
C ARG A 20 8.20 6.00 1.03
N ASN A 21 7.18 5.13 1.10
CA ASN A 21 5.84 5.52 0.71
C ASN A 21 4.87 5.34 1.88
N SER A 22 3.85 6.20 1.93
CA SER A 22 2.85 6.14 2.99
C SER A 22 1.73 5.17 2.63
N ALA A 23 1.07 4.64 3.65
CA ALA A 23 -0.03 3.70 3.44
C ALA A 23 -1.14 4.32 2.60
N GLU A 24 -1.56 5.53 2.98
CA GLU A 24 -2.61 6.22 2.25
C GLU A 24 -2.34 6.21 0.75
N ALA A 25 -1.07 6.35 0.38
CA ALA A 25 -0.68 6.35 -1.01
C ALA A 25 -0.94 5.00 -1.66
N PHE A 26 -1.83 4.98 -2.66
CA PHE A 26 -2.18 3.76 -3.35
C PHE A 26 -0.94 3.11 -3.97
N LYS A 27 -0.12 3.92 -4.63
CA LYS A 27 1.10 3.44 -5.25
C LYS A 27 2.30 4.29 -4.85
N CYS A 28 3.49 3.88 -5.30
CA CYS A 28 4.71 4.61 -4.98
C CYS A 28 4.63 6.05 -5.50
N MET A 29 5.49 6.90 -4.96
CA MET A 29 5.52 8.31 -5.36
C MET A 29 6.81 8.64 -6.09
N MET A 30 7.90 7.96 -5.70
CA MET A 30 9.20 8.18 -6.32
C MET A 30 9.24 7.62 -7.74
N CYS A 31 9.10 6.30 -7.85
CA CYS A 31 9.12 5.64 -9.15
C CYS A 31 7.70 5.49 -9.70
N ASP A 32 6.72 5.58 -8.81
CA ASP A 32 5.31 5.45 -9.21
C ASP A 32 5.01 4.04 -9.67
N VAL A 33 5.66 3.06 -9.05
CA VAL A 33 5.46 1.66 -9.40
C VAL A 33 4.34 1.04 -8.57
N ARG A 34 3.39 0.40 -9.24
CA ARG A 34 2.27 -0.23 -8.57
C ARG A 34 2.75 -1.23 -7.52
N LYS A 35 2.07 -1.25 -6.38
CA LYS A 35 2.43 -2.16 -5.30
C LYS A 35 1.36 -3.23 -5.10
N GLY A 36 0.10 -2.85 -5.26
CA GLY A 36 -0.99 -3.79 -5.12
C GLY A 36 -0.82 -5.02 -5.98
N THR A 37 -0.26 -6.08 -5.40
CA THR A 37 -0.03 -7.32 -6.13
C THR A 37 -1.26 -7.70 -6.95
N SER A 38 -2.40 -7.80 -6.29
CA SER A 38 -3.65 -8.16 -6.97
C SER A 38 -3.50 -9.50 -7.69
N THR A 39 -2.87 -10.46 -7.04
CA THR A 39 -2.66 -11.77 -7.62
C THR A 39 -3.87 -12.67 -7.41
N ARG A 40 -4.17 -13.52 -8.39
CA ARG A 40 -5.30 -14.43 -8.31
C ARG A 40 -4.84 -15.82 -7.89
N LYS A 41 -5.42 -16.33 -6.82
CA LYS A 41 -5.08 -17.66 -6.31
C LYS A 41 -5.40 -18.73 -7.35
N PRO A 42 -4.62 -19.82 -7.34
CA PRO A 42 -4.80 -20.93 -8.28
C PRO A 42 -6.07 -21.73 -7.98
N ARG A 43 -6.86 -21.24 -7.04
CA ARG A 43 -8.11 -21.90 -6.67
C ARG A 43 -8.97 -22.17 -7.89
N PRO A 44 -9.80 -23.22 -7.81
CA PRO A 44 -10.70 -23.61 -8.92
C PRO A 44 -11.83 -22.60 -9.13
N VAL A 45 -12.40 -22.61 -10.32
CA VAL A 45 -13.50 -21.70 -10.64
C VAL A 45 -14.48 -22.35 -11.61
N SER A 46 -15.77 -22.17 -11.36
CA SER A 46 -16.81 -22.73 -12.20
C SER A 46 -17.91 -21.71 -12.47
N GLN A 47 -18.76 -22.01 -13.45
CA GLN A 47 -19.86 -21.11 -13.80
C GLN A 47 -20.81 -20.93 -12.62
N SER A 48 -21.08 -19.68 -12.27
CA SER A 48 -21.98 -19.37 -11.15
C SER A 48 -23.42 -19.67 -11.53
N GLY A 49 -23.98 -20.72 -10.93
CA GLY A 49 -25.34 -21.10 -11.20
C GLY A 49 -26.25 -20.96 -9.99
N PRO A 50 -27.36 -21.69 -9.99
CA PRO A 50 -28.34 -21.66 -8.89
C PRO A 50 -27.79 -22.32 -7.63
N SER A 51 -27.62 -21.52 -6.58
CA SER A 51 -27.11 -22.02 -5.30
C SER A 51 -27.98 -23.15 -4.78
N SER A 52 -29.30 -22.97 -4.84
CA SER A 52 -30.23 -23.98 -4.37
C SER A 52 -30.64 -24.91 -5.51
N GLY A 53 -30.63 -26.21 -5.23
CA GLY A 53 -31.00 -27.19 -6.23
C GLY A 53 -32.31 -26.86 -6.91
ZN ZN B . 9.22 3.15 -5.87
N GLY A 1 -2.42 20.45 8.93
CA GLY A 1 -1.32 20.51 9.89
C GLY A 1 -0.49 19.24 9.91
N SER A 2 0.74 19.36 10.37
CA SER A 2 1.65 18.21 10.45
C SER A 2 1.44 17.43 11.75
N SER A 3 2.06 16.26 11.83
CA SER A 3 1.94 15.42 13.01
C SER A 3 3.22 15.48 13.84
N GLY A 4 3.05 15.43 15.16
CA GLY A 4 4.19 15.48 16.06
C GLY A 4 4.79 14.11 16.32
N SER A 5 4.04 13.26 17.01
CA SER A 5 4.50 11.91 17.32
C SER A 5 4.38 11.00 16.11
N SER A 6 5.05 9.85 16.17
CA SER A 6 5.02 8.89 15.07
C SER A 6 4.40 7.57 15.52
N GLY A 7 3.75 6.88 14.58
CA GLY A 7 3.11 5.62 14.91
C GLY A 7 4.07 4.44 14.76
N ASP A 8 3.62 3.27 15.19
CA ASP A 8 4.44 2.06 15.11
C ASP A 8 4.77 1.72 13.65
N GLU A 9 3.74 1.61 12.83
CA GLU A 9 3.92 1.28 11.42
C GLU A 9 2.78 1.87 10.58
N GLY A 10 3.15 2.63 9.56
CA GLY A 10 2.17 3.25 8.69
C GLY A 10 2.73 3.60 7.33
N TYR A 11 3.55 2.71 6.78
CA TYR A 11 4.15 2.94 5.47
C TYR A 11 4.64 1.64 4.86
N TRP A 12 4.72 1.61 3.54
CA TRP A 12 5.17 0.42 2.82
C TRP A 12 6.47 0.69 2.07
N ASP A 13 7.46 -0.18 2.26
CA ASP A 13 8.74 -0.03 1.60
C ASP A 13 8.65 -0.43 0.13
N CYS A 14 9.29 0.37 -0.74
CA CYS A 14 9.27 0.11 -2.17
C CYS A 14 10.36 -0.88 -2.55
N SER A 15 10.24 -1.46 -3.74
CA SER A 15 11.21 -2.44 -4.22
C SER A 15 11.98 -1.88 -5.42
N VAL A 16 11.30 -1.11 -6.25
CA VAL A 16 11.91 -0.52 -7.44
C VAL A 16 12.94 0.54 -7.05
N CYS A 17 12.46 1.62 -6.43
CA CYS A 17 13.34 2.70 -6.00
C CYS A 17 13.59 2.64 -4.50
N THR A 18 12.95 1.70 -3.84
CA THR A 18 13.10 1.53 -2.39
C THR A 18 12.82 2.84 -1.66
N PHE A 19 11.91 3.64 -2.21
CA PHE A 19 11.55 4.91 -1.61
C PHE A 19 10.44 4.73 -0.58
N ARG A 20 10.50 5.50 0.50
CA ARG A 20 9.50 5.42 1.56
C ARG A 20 8.24 6.21 1.18
N ASN A 21 7.11 5.52 1.12
CA ASN A 21 5.85 6.15 0.77
C ASN A 21 4.81 5.95 1.86
N SER A 22 3.87 6.89 1.96
CA SER A 22 2.82 6.82 2.98
C SER A 22 1.85 5.67 2.67
N ALA A 23 1.20 5.17 3.70
CA ALA A 23 0.25 4.08 3.56
C ALA A 23 -0.90 4.48 2.62
N GLU A 24 -1.49 5.64 2.88
CA GLU A 24 -2.59 6.14 2.07
C GLU A 24 -2.30 5.96 0.59
N ALA A 25 -1.09 6.35 0.18
CA ALA A 25 -0.68 6.22 -1.21
C ALA A 25 -0.57 4.76 -1.63
N PHE A 26 -1.49 4.34 -2.50
CA PHE A 26 -1.51 2.97 -2.99
C PHE A 26 -0.26 2.66 -3.82
N LYS A 27 0.16 3.63 -4.63
CA LYS A 27 1.33 3.47 -5.47
C LYS A 27 2.47 4.36 -4.99
N CYS A 28 3.70 3.97 -5.32
CA CYS A 28 4.87 4.74 -4.93
C CYS A 28 4.77 6.17 -5.43
N MET A 29 5.61 7.05 -4.86
CA MET A 29 5.62 8.46 -5.25
C MET A 29 6.88 8.79 -6.03
N MET A 30 7.98 8.10 -5.70
CA MET A 30 9.25 8.33 -6.37
C MET A 30 9.25 7.71 -7.77
N CYS A 31 9.15 6.38 -7.82
CA CYS A 31 9.13 5.66 -9.08
C CYS A 31 7.70 5.51 -9.61
N ASP A 32 6.73 5.63 -8.71
CA ASP A 32 5.33 5.51 -9.09
C ASP A 32 5.03 4.11 -9.62
N VAL A 33 5.53 3.10 -8.92
CA VAL A 33 5.31 1.72 -9.32
C VAL A 33 4.22 1.07 -8.47
N ARG A 34 3.44 0.18 -9.10
CA ARG A 34 2.37 -0.52 -8.41
C ARG A 34 2.91 -1.36 -7.26
N LYS A 35 2.15 -1.41 -6.16
CA LYS A 35 2.55 -2.18 -5.00
C LYS A 35 1.61 -3.37 -4.78
N GLY A 36 2.00 -4.26 -3.87
CA GLY A 36 1.19 -5.43 -3.59
C GLY A 36 1.13 -6.39 -4.76
N THR A 37 0.91 -7.67 -4.47
CA THR A 37 0.83 -8.69 -5.50
C THR A 37 -0.62 -8.94 -5.93
N SER A 38 -0.90 -8.68 -7.20
CA SER A 38 -2.25 -8.87 -7.73
C SER A 38 -3.26 -8.02 -6.96
N THR A 39 -2.88 -6.77 -6.67
CA THR A 39 -3.75 -5.86 -5.95
C THR A 39 -5.17 -5.91 -6.49
N ARG A 40 -5.30 -6.10 -7.80
CA ARG A 40 -6.60 -6.16 -8.45
C ARG A 40 -7.14 -7.59 -8.45
N LYS A 41 -8.45 -7.73 -8.32
CA LYS A 41 -9.10 -9.04 -8.31
C LYS A 41 -9.83 -9.29 -9.62
N PRO A 42 -9.34 -10.29 -10.38
CA PRO A 42 -9.94 -10.66 -11.66
C PRO A 42 -11.31 -11.32 -11.50
N ARG A 43 -12.00 -11.53 -12.62
CA ARG A 43 -13.31 -12.15 -12.60
C ARG A 43 -13.74 -12.55 -14.01
N PRO A 44 -14.59 -13.60 -14.09
CA PRO A 44 -15.10 -14.10 -15.36
C PRO A 44 -16.06 -13.14 -16.04
N VAL A 45 -16.20 -11.95 -15.46
CA VAL A 45 -17.09 -10.93 -16.00
C VAL A 45 -16.32 -9.71 -16.47
N SER A 46 -16.17 -9.57 -17.79
CA SER A 46 -15.44 -8.45 -18.36
C SER A 46 -16.33 -7.21 -18.45
N GLN A 47 -15.71 -6.04 -18.43
CA GLN A 47 -16.44 -4.78 -18.51
C GLN A 47 -15.92 -3.92 -19.65
N SER A 48 -16.77 -3.70 -20.66
CA SER A 48 -16.39 -2.89 -21.81
C SER A 48 -16.06 -1.46 -21.38
N GLY A 49 -14.79 -1.08 -21.53
CA GLY A 49 -14.37 0.25 -21.16
C GLY A 49 -14.21 0.42 -19.66
N PRO A 50 -13.12 1.09 -19.25
CA PRO A 50 -12.82 1.32 -17.84
C PRO A 50 -13.80 2.31 -17.19
N SER A 51 -14.25 3.28 -17.97
CA SER A 51 -15.18 4.29 -17.49
C SER A 51 -16.48 4.27 -18.30
N SER A 52 -17.61 4.39 -17.61
CA SER A 52 -18.91 4.39 -18.26
C SER A 52 -19.83 5.44 -17.63
N GLY A 53 -20.93 5.73 -18.33
CA GLY A 53 -21.87 6.71 -17.82
C GLY A 53 -22.20 7.77 -18.85
ZN ZN B . 9.32 3.36 -5.74
N GLY A 1 -6.15 17.45 10.83
CA GLY A 1 -4.98 18.20 11.26
C GLY A 1 -4.70 18.02 12.73
N SER A 2 -3.88 17.02 13.06
CA SER A 2 -3.52 16.74 14.45
C SER A 2 -2.14 17.29 14.78
N SER A 3 -2.05 18.02 15.89
CA SER A 3 -0.79 18.60 16.31
C SER A 3 0.31 17.55 16.37
N GLY A 4 0.12 16.55 17.22
CA GLY A 4 1.09 15.49 17.36
C GLY A 4 1.11 14.55 16.16
N SER A 5 2.25 13.90 15.95
CA SER A 5 2.39 12.98 14.82
C SER A 5 1.82 11.62 15.17
N SER A 6 0.93 11.12 14.31
CA SER A 6 0.29 9.83 14.52
C SER A 6 -0.01 9.14 13.20
N GLY A 7 0.78 8.13 12.86
CA GLY A 7 0.57 7.41 11.62
C GLY A 7 1.84 7.31 10.79
N ASP A 8 2.97 7.10 11.46
CA ASP A 8 4.25 7.00 10.78
C ASP A 8 4.58 5.54 10.45
N GLU A 9 4.58 4.70 11.48
CA GLU A 9 4.87 3.28 11.31
C GLU A 9 4.11 2.71 10.11
N GLY A 10 2.85 3.08 9.98
CA GLY A 10 2.04 2.60 8.88
C GLY A 10 2.54 3.11 7.53
N TYR A 11 3.56 2.46 7.00
CA TYR A 11 4.13 2.84 5.72
C TYR A 11 4.74 1.64 5.01
N TRP A 12 4.47 1.53 3.71
CA TRP A 12 5.00 0.43 2.91
C TRP A 12 6.23 0.86 2.12
N ASP A 13 7.27 0.03 2.17
CA ASP A 13 8.51 0.32 1.45
C ASP A 13 8.41 -0.11 -0.01
N CYS A 14 9.28 0.47 -0.84
CA CYS A 14 9.28 0.14 -2.27
C CYS A 14 10.43 -0.80 -2.60
N SER A 15 10.33 -1.45 -3.76
CA SER A 15 11.36 -2.39 -4.19
C SER A 15 12.11 -1.85 -5.41
N VAL A 16 11.41 -1.09 -6.24
CA VAL A 16 12.00 -0.52 -7.44
C VAL A 16 13.03 0.55 -7.08
N CYS A 17 12.57 1.63 -6.48
CA CYS A 17 13.46 2.73 -6.09
C CYS A 17 13.70 2.71 -4.58
N THR A 18 13.05 1.78 -3.90
CA THR A 18 13.20 1.66 -2.45
C THR A 18 12.85 2.98 -1.75
N PHE A 19 11.91 3.71 -2.33
CA PHE A 19 11.48 4.98 -1.76
C PHE A 19 10.37 4.78 -0.74
N ARG A 20 10.43 5.52 0.36
CA ARG A 20 9.44 5.43 1.42
C ARG A 20 8.14 6.10 1.00
N ASN A 21 7.05 5.33 1.00
CA ASN A 21 5.74 5.86 0.62
C ASN A 21 4.73 5.69 1.76
N SER A 22 3.81 6.64 1.88
CA SER A 22 2.80 6.60 2.92
C SER A 22 1.75 5.53 2.61
N ALA A 23 1.20 4.93 3.65
CA ALA A 23 0.17 3.90 3.49
C ALA A 23 -0.92 4.35 2.53
N GLU A 24 -1.47 5.54 2.79
CA GLU A 24 -2.52 6.09 1.95
C GLU A 24 -2.18 5.94 0.47
N ALA A 25 -0.95 6.31 0.12
CA ALA A 25 -0.49 6.21 -1.25
C ALA A 25 -0.58 4.78 -1.78
N PHE A 26 -1.48 4.56 -2.74
CA PHE A 26 -1.66 3.24 -3.31
C PHE A 26 -0.40 2.78 -4.05
N LYS A 27 0.28 3.72 -4.69
CA LYS A 27 1.49 3.42 -5.44
C LYS A 27 2.65 4.29 -4.95
N CYS A 28 3.87 3.88 -5.28
CA CYS A 28 5.06 4.63 -4.89
C CYS A 28 4.95 6.09 -5.30
N MET A 29 5.84 6.92 -4.76
CA MET A 29 5.84 8.34 -5.07
C MET A 29 7.04 8.70 -5.95
N MET A 30 8.16 8.04 -5.72
CA MET A 30 9.37 8.30 -6.49
C MET A 30 9.28 7.67 -7.88
N CYS A 31 9.18 6.34 -7.93
CA CYS A 31 9.08 5.63 -9.19
C CYS A 31 7.62 5.51 -9.63
N ASP A 32 6.71 5.60 -8.67
CA ASP A 32 5.29 5.48 -8.95
C ASP A 32 4.93 4.08 -9.41
N VAL A 33 5.48 3.08 -8.73
CA VAL A 33 5.22 1.69 -9.07
C VAL A 33 4.17 1.09 -8.14
N ARG A 34 3.16 0.45 -8.73
CA ARG A 34 2.09 -0.17 -7.96
C ARG A 34 2.65 -1.20 -6.98
N LYS A 35 2.08 -1.24 -5.78
CA LYS A 35 2.52 -2.17 -4.75
C LYS A 35 1.57 -3.36 -4.64
N GLY A 36 2.12 -4.54 -4.38
CA GLY A 36 1.31 -5.73 -4.26
C GLY A 36 1.03 -6.10 -2.83
N THR A 37 0.53 -7.31 -2.62
CA THR A 37 0.22 -7.79 -1.27
C THR A 37 -0.71 -6.82 -0.54
N SER A 38 -1.69 -6.29 -1.27
CA SER A 38 -2.64 -5.35 -0.69
C SER A 38 -3.53 -6.04 0.35
N THR A 39 -4.20 -7.11 -0.08
CA THR A 39 -5.08 -7.86 0.81
C THR A 39 -4.34 -8.32 2.06
N ARG A 40 -5.10 -8.76 3.06
CA ARG A 40 -4.51 -9.23 4.31
C ARG A 40 -5.03 -10.62 4.66
N LYS A 41 -4.14 -11.60 4.68
CA LYS A 41 -4.51 -12.98 5.00
C LYS A 41 -4.10 -13.33 6.44
N PRO A 42 -4.95 -14.11 7.11
CA PRO A 42 -4.70 -14.54 8.49
C PRO A 42 -3.55 -15.53 8.59
N ARG A 43 -3.24 -16.18 7.48
CA ARG A 43 -2.16 -17.16 7.44
C ARG A 43 -1.65 -17.34 6.00
N PRO A 44 -0.34 -17.11 5.82
CA PRO A 44 0.30 -17.25 4.50
C PRO A 44 0.40 -18.70 4.05
N VAL A 45 -0.70 -19.21 3.47
CA VAL A 45 -0.73 -20.59 2.99
C VAL A 45 0.58 -20.97 2.34
N SER A 46 1.14 -20.06 1.55
CA SER A 46 2.40 -20.32 0.85
C SER A 46 3.59 -19.91 1.72
N GLN A 47 4.65 -20.70 1.66
CA GLN A 47 5.86 -20.42 2.43
C GLN A 47 6.41 -19.04 2.11
N SER A 48 7.43 -18.62 2.85
CA SER A 48 8.05 -17.31 2.64
C SER A 48 8.76 -17.25 1.30
N GLY A 49 9.76 -18.11 1.13
CA GLY A 49 10.51 -18.14 -0.11
C GLY A 49 11.74 -17.25 -0.07
N PRO A 50 12.68 -17.48 -0.98
CA PRO A 50 13.93 -16.71 -1.07
C PRO A 50 13.68 -15.28 -1.56
N SER A 51 14.42 -14.33 -1.00
CA SER A 51 14.28 -12.93 -1.38
C SER A 51 15.64 -12.25 -1.46
N SER A 52 15.92 -11.61 -2.59
CA SER A 52 17.19 -10.92 -2.79
C SER A 52 17.59 -10.15 -1.54
N GLY A 53 16.72 -9.24 -1.11
CA GLY A 53 16.99 -8.44 0.07
C GLY A 53 16.20 -7.16 0.11
ZN ZN B . 9.48 3.25 -5.89
N GLY A 1 -2.12 3.97 20.31
CA GLY A 1 -2.52 5.02 21.23
C GLY A 1 -1.38 5.54 22.07
N SER A 2 -1.70 6.07 23.24
CA SER A 2 -0.69 6.60 24.15
C SER A 2 0.34 5.53 24.50
N SER A 3 -0.14 4.38 24.93
CA SER A 3 0.73 3.27 25.30
C SER A 3 1.03 2.39 24.10
N GLY A 4 2.23 1.80 24.09
CA GLY A 4 2.63 0.93 23.00
C GLY A 4 1.87 -0.38 22.99
N SER A 5 0.60 -0.32 22.56
CA SER A 5 -0.23 -1.51 22.51
C SER A 5 -0.10 -2.22 21.16
N SER A 6 -0.38 -1.48 20.10
CA SER A 6 -0.30 -2.03 18.74
C SER A 6 0.98 -1.56 18.04
N GLY A 7 1.54 -2.43 17.20
CA GLY A 7 2.74 -2.07 16.48
C GLY A 7 2.56 -2.12 14.98
N ASP A 8 1.63 -1.32 14.48
CA ASP A 8 1.35 -1.27 13.05
C ASP A 8 2.33 -0.35 12.33
N GLU A 9 2.93 -0.85 11.26
CA GLU A 9 3.89 -0.08 10.49
C GLU A 9 3.19 0.95 9.60
N GLY A 10 2.19 0.47 8.86
CA GLY A 10 1.45 1.35 7.96
C GLY A 10 2.21 1.66 6.69
N TYR A 11 3.31 2.39 6.82
CA TYR A 11 4.12 2.76 5.67
C TYR A 11 4.71 1.53 5.00
N TRP A 12 4.65 1.48 3.68
CA TRP A 12 5.18 0.35 2.91
C TRP A 12 6.43 0.75 2.16
N ASP A 13 7.48 -0.05 2.30
CA ASP A 13 8.75 0.22 1.63
C ASP A 13 8.70 -0.23 0.18
N CYS A 14 9.32 0.56 -0.70
CA CYS A 14 9.34 0.25 -2.12
C CYS A 14 10.52 -0.66 -2.46
N SER A 15 10.44 -1.32 -3.62
CA SER A 15 11.50 -2.22 -4.05
C SER A 15 12.16 -1.71 -5.33
N VAL A 16 11.37 -1.05 -6.18
CA VAL A 16 11.88 -0.52 -7.42
C VAL A 16 12.93 0.56 -7.18
N CYS A 17 12.52 1.65 -6.52
CA CYS A 17 13.43 2.74 -6.22
C CYS A 17 13.77 2.78 -4.73
N THR A 18 13.29 1.77 -4.00
CA THR A 18 13.54 1.68 -2.57
C THR A 18 13.13 2.98 -1.86
N PHE A 19 12.11 3.64 -2.38
CA PHE A 19 11.62 4.88 -1.81
C PHE A 19 10.54 4.61 -0.77
N ARG A 20 10.55 5.40 0.31
CA ARG A 20 9.58 5.24 1.38
C ARG A 20 8.29 5.98 1.05
N ASN A 21 7.15 5.33 1.29
CA ASN A 21 5.85 5.92 1.01
C ASN A 21 4.86 5.62 2.13
N SER A 22 3.74 6.32 2.13
CA SER A 22 2.71 6.13 3.15
C SER A 22 1.64 5.15 2.67
N ALA A 23 0.88 4.59 3.61
CA ALA A 23 -0.17 3.64 3.28
C ALA A 23 -1.22 4.28 2.38
N GLU A 24 -1.77 5.41 2.82
CA GLU A 24 -2.79 6.11 2.05
C GLU A 24 -2.39 6.18 0.57
N ALA A 25 -1.09 6.30 0.32
CA ALA A 25 -0.60 6.38 -1.05
C ALA A 25 -0.88 5.09 -1.82
N PHE A 26 -1.68 5.20 -2.86
CA PHE A 26 -2.03 4.05 -3.68
C PHE A 26 -0.78 3.34 -4.19
N LYS A 27 0.19 4.11 -4.66
CA LYS A 27 1.44 3.57 -5.17
C LYS A 27 2.62 4.47 -4.82
N CYS A 28 3.83 4.03 -5.15
CA CYS A 28 5.03 4.80 -4.88
C CYS A 28 4.91 6.21 -5.43
N MET A 29 5.78 7.10 -4.96
CA MET A 29 5.77 8.49 -5.42
C MET A 29 6.98 8.79 -6.29
N MET A 30 8.10 8.15 -5.97
CA MET A 30 9.34 8.35 -6.74
C MET A 30 9.25 7.66 -8.10
N CYS A 31 9.14 6.34 -8.08
CA CYS A 31 9.05 5.57 -9.32
C CYS A 31 7.59 5.36 -9.73
N ASP A 32 6.69 5.49 -8.76
CA ASP A 32 5.26 5.34 -9.02
C ASP A 32 4.95 3.90 -9.43
N VAL A 33 5.55 2.94 -8.74
CA VAL A 33 5.34 1.53 -9.03
C VAL A 33 4.23 0.95 -8.15
N ARG A 34 3.37 0.15 -8.76
CA ARG A 34 2.26 -0.48 -8.04
C ARG A 34 2.79 -1.39 -6.93
N LYS A 35 2.15 -1.31 -5.77
CA LYS A 35 2.55 -2.14 -4.62
C LYS A 35 1.57 -3.28 -4.41
N GLY A 36 1.86 -4.13 -3.43
CA GLY A 36 1.00 -5.26 -3.13
C GLY A 36 1.70 -6.33 -2.33
N THR A 37 0.93 -7.04 -1.50
CA THR A 37 1.47 -8.10 -0.68
C THR A 37 1.24 -9.48 -1.30
N SER A 38 2.24 -10.35 -1.20
CA SER A 38 2.14 -11.69 -1.75
C SER A 38 0.85 -12.37 -1.30
N THR A 39 0.69 -12.51 0.02
CA THR A 39 -0.49 -13.14 0.58
C THR A 39 -0.57 -14.61 0.18
N ARG A 40 0.58 -15.28 0.18
CA ARG A 40 0.63 -16.70 -0.19
C ARG A 40 0.23 -17.58 0.99
N LYS A 41 -0.57 -18.61 0.70
CA LYS A 41 -1.04 -19.52 1.73
C LYS A 41 -0.41 -20.90 1.56
N PRO A 42 0.24 -21.40 2.62
CA PRO A 42 0.89 -22.71 2.61
C PRO A 42 -0.11 -23.86 2.56
N ARG A 43 -1.38 -23.55 2.83
CA ARG A 43 -2.43 -24.56 2.83
C ARG A 43 -2.60 -25.14 1.42
N PRO A 44 -2.44 -26.47 1.32
CA PRO A 44 -2.57 -27.18 0.04
C PRO A 44 -4.01 -27.22 -0.46
N VAL A 45 -4.21 -26.81 -1.70
CA VAL A 45 -5.54 -26.79 -2.30
C VAL A 45 -6.05 -28.21 -2.55
N SER A 46 -6.99 -28.65 -1.72
CA SER A 46 -7.56 -29.99 -1.85
C SER A 46 -9.08 -29.96 -1.69
N GLN A 47 -9.79 -30.43 -2.70
CA GLN A 47 -11.24 -30.44 -2.66
C GLN A 47 -11.77 -31.84 -2.31
N SER A 48 -12.25 -31.99 -1.08
CA SER A 48 -12.77 -33.26 -0.62
C SER A 48 -14.05 -33.64 -1.36
N GLY A 49 -14.95 -32.66 -1.50
CA GLY A 49 -16.20 -32.91 -2.18
C GLY A 49 -17.26 -31.89 -1.82
N PRO A 50 -18.09 -31.51 -2.82
CA PRO A 50 -19.17 -30.52 -2.62
C PRO A 50 -20.30 -31.08 -1.76
N SER A 51 -21.05 -30.18 -1.13
CA SER A 51 -22.16 -30.57 -0.28
C SER A 51 -23.45 -29.91 -0.73
N SER A 52 -24.41 -30.74 -1.17
CA SER A 52 -25.70 -30.23 -1.64
C SER A 52 -26.34 -29.32 -0.59
N GLY A 53 -26.40 -29.81 0.65
CA GLY A 53 -26.99 -29.03 1.72
C GLY A 53 -26.68 -27.55 1.60
ZN ZN B . 9.47 3.32 -5.86
N GLY A 1 15.07 9.05 24.88
CA GLY A 1 16.47 9.29 24.56
C GLY A 1 16.65 10.03 23.24
N SER A 2 15.90 9.61 22.23
CA SER A 2 15.99 10.23 20.92
C SER A 2 15.69 11.73 21.00
N SER A 3 16.38 12.50 20.18
CA SER A 3 16.20 13.95 20.15
C SER A 3 15.15 14.36 19.13
N GLY A 4 15.23 13.76 17.94
CA GLY A 4 14.28 14.08 16.89
C GLY A 4 13.03 13.23 16.97
N SER A 5 12.17 13.37 15.97
CA SER A 5 10.92 12.62 15.93
C SER A 5 11.18 11.16 15.55
N SER A 6 10.43 10.25 16.19
CA SER A 6 10.58 8.83 15.93
C SER A 6 9.95 8.45 14.60
N GLY A 7 8.65 8.73 14.46
CA GLY A 7 7.95 8.41 13.23
C GLY A 7 6.52 7.99 13.48
N ASP A 8 5.85 7.53 12.43
CA ASP A 8 4.46 7.09 12.53
C ASP A 8 4.28 5.70 11.92
N GLU A 9 3.20 5.03 12.30
CA GLU A 9 2.91 3.69 11.79
C GLU A 9 1.94 3.76 10.61
N GLY A 10 2.44 3.45 9.42
CA GLY A 10 1.61 3.48 8.23
C GLY A 10 2.40 3.81 6.98
N TYR A 11 3.23 2.87 6.55
CA TYR A 11 4.04 3.07 5.36
C TYR A 11 4.56 1.74 4.82
N TRP A 12 4.82 1.70 3.52
CA TRP A 12 5.32 0.48 2.88
C TRP A 12 6.61 0.76 2.12
N ASP A 13 7.55 -0.18 2.20
CA ASP A 13 8.82 -0.04 1.51
C ASP A 13 8.70 -0.42 0.04
N CYS A 14 9.38 0.34 -0.83
CA CYS A 14 9.34 0.08 -2.26
C CYS A 14 10.41 -0.93 -2.66
N SER A 15 10.26 -1.51 -3.85
CA SER A 15 11.21 -2.49 -4.35
C SER A 15 12.01 -1.92 -5.53
N VAL A 16 11.37 -1.07 -6.31
CA VAL A 16 12.00 -0.46 -7.47
C VAL A 16 13.02 0.59 -7.04
N CYS A 17 12.54 1.66 -6.42
CA CYS A 17 13.41 2.73 -5.96
C CYS A 17 13.62 2.66 -4.45
N THR A 18 12.91 1.74 -3.81
CA THR A 18 13.02 1.56 -2.37
C THR A 18 12.72 2.86 -1.63
N PHE A 19 11.84 3.67 -2.21
CA PHE A 19 11.46 4.95 -1.62
C PHE A 19 10.38 4.75 -0.56
N ARG A 20 10.48 5.53 0.52
CA ARG A 20 9.51 5.45 1.61
C ARG A 20 8.21 6.15 1.24
N ASN A 21 7.17 5.36 1.01
CA ASN A 21 5.86 5.91 0.65
C ASN A 21 4.87 5.78 1.81
N SER A 22 3.87 6.66 1.83
CA SER A 22 2.87 6.63 2.88
C SER A 22 1.76 5.63 2.56
N ALA A 23 1.33 4.89 3.56
CA ALA A 23 0.28 3.90 3.39
C ALA A 23 -0.81 4.41 2.45
N GLU A 24 -1.46 5.49 2.85
CA GLU A 24 -2.52 6.07 2.04
C GLU A 24 -2.20 5.97 0.55
N ALA A 25 -0.99 6.38 0.19
CA ALA A 25 -0.55 6.34 -1.21
C ALA A 25 -0.67 4.92 -1.77
N PHE A 26 -1.61 4.73 -2.69
CA PHE A 26 -1.84 3.44 -3.30
C PHE A 26 -0.54 2.90 -3.92
N LYS A 27 0.15 3.75 -4.66
CA LYS A 27 1.40 3.37 -5.30
C LYS A 27 2.56 4.24 -4.81
N CYS A 28 3.76 3.95 -5.29
CA CYS A 28 4.94 4.70 -4.90
C CYS A 28 4.82 6.16 -5.30
N MET A 29 5.69 7.00 -4.75
CA MET A 29 5.67 8.43 -5.05
C MET A 29 6.87 8.82 -5.91
N MET A 30 8.00 8.14 -5.69
CA MET A 30 9.21 8.42 -6.44
C MET A 30 9.13 7.82 -7.84
N CYS A 31 9.11 6.50 -7.92
CA CYS A 31 9.04 5.81 -9.19
C CYS A 31 7.58 5.58 -9.61
N ASP A 32 6.69 5.62 -8.63
CA ASP A 32 5.27 5.42 -8.89
C ASP A 32 5.00 4.00 -9.39
N VAL A 33 5.56 3.02 -8.68
CA VAL A 33 5.38 1.62 -9.05
C VAL A 33 4.22 1.00 -8.30
N ARG A 34 3.57 0.01 -8.92
CA ARG A 34 2.44 -0.67 -8.30
C ARG A 34 2.88 -1.46 -7.08
N LYS A 35 2.05 -1.43 -6.03
CA LYS A 35 2.36 -2.15 -4.80
C LYS A 35 1.40 -3.33 -4.60
N GLY A 36 0.15 -3.14 -5.01
CA GLY A 36 -0.83 -4.19 -4.87
C GLY A 36 -0.45 -5.45 -5.62
N THR A 37 -0.24 -6.54 -4.90
CA THR A 37 0.14 -7.80 -5.52
C THR A 37 -0.98 -8.35 -6.39
N SER A 38 -2.17 -8.49 -5.79
CA SER A 38 -3.33 -9.01 -6.52
C SER A 38 -4.12 -7.87 -7.15
N THR A 39 -4.90 -8.20 -8.18
CA THR A 39 -5.71 -7.21 -8.87
C THR A 39 -6.65 -6.49 -7.92
N ARG A 40 -7.44 -7.27 -7.18
CA ARG A 40 -8.38 -6.71 -6.23
C ARG A 40 -8.22 -7.35 -4.85
N LYS A 41 -8.79 -6.71 -3.84
CA LYS A 41 -8.70 -7.22 -2.47
C LYS A 41 -10.04 -7.10 -1.75
N PRO A 42 -10.27 -7.97 -0.78
CA PRO A 42 -11.51 -7.99 0.01
C PRO A 42 -11.62 -6.78 0.94
N ARG A 43 -12.55 -5.89 0.63
CA ARG A 43 -12.75 -4.69 1.43
C ARG A 43 -13.03 -5.06 2.90
N PRO A 44 -12.58 -4.19 3.82
CA PRO A 44 -12.77 -4.41 5.26
C PRO A 44 -14.23 -4.27 5.68
N VAL A 45 -14.48 -4.37 6.98
CA VAL A 45 -15.83 -4.27 7.52
C VAL A 45 -16.03 -2.94 8.24
N SER A 46 -17.16 -2.29 7.98
CA SER A 46 -17.47 -1.00 8.60
C SER A 46 -18.07 -1.21 9.98
N GLN A 47 -18.30 -0.10 10.68
CA GLN A 47 -18.88 -0.16 12.02
C GLN A 47 -20.40 -0.08 11.97
N SER A 48 -21.06 -0.70 12.95
CA SER A 48 -22.51 -0.70 13.01
C SER A 48 -23.06 0.73 13.02
N GLY A 49 -24.24 0.91 12.44
CA GLY A 49 -24.85 2.22 12.40
C GLY A 49 -24.78 2.85 11.02
N PRO A 50 -25.69 3.79 10.74
CA PRO A 50 -25.75 4.49 9.46
C PRO A 50 -24.58 5.43 9.26
N SER A 51 -24.01 5.41 8.05
CA SER A 51 -22.87 6.27 7.73
C SER A 51 -23.33 7.66 7.33
N SER A 52 -24.45 7.73 6.62
CA SER A 52 -25.00 9.00 6.17
C SER A 52 -26.53 8.96 6.17
N GLY A 53 -27.14 10.12 5.89
CA GLY A 53 -28.60 10.19 5.85
C GLY A 53 -29.10 11.53 5.35
ZN ZN B . 9.42 3.33 -5.85
N GLY A 1 15.88 7.44 11.25
CA GLY A 1 15.54 8.05 12.52
C GLY A 1 15.16 9.52 12.38
N SER A 2 14.09 9.78 11.65
CA SER A 2 13.62 11.15 11.44
C SER A 2 12.21 11.33 12.00
N SER A 3 12.12 12.05 13.12
CA SER A 3 10.84 12.30 13.75
C SER A 3 10.28 13.66 13.35
N GLY A 4 9.01 13.69 12.98
CA GLY A 4 8.38 14.92 12.57
C GLY A 4 6.87 14.83 12.53
N SER A 5 6.30 14.94 11.33
CA SER A 5 4.86 14.86 11.15
C SER A 5 4.36 13.44 11.35
N SER A 6 5.06 12.49 10.74
CA SER A 6 4.69 11.08 10.85
C SER A 6 5.72 10.30 11.66
N GLY A 7 5.23 9.51 12.61
CA GLY A 7 6.13 8.73 13.45
C GLY A 7 5.51 7.42 13.89
N ASP A 8 4.99 6.66 12.93
CA ASP A 8 4.37 5.38 13.22
C ASP A 8 4.42 4.46 12.01
N GLU A 9 3.97 3.22 12.19
CA GLU A 9 3.97 2.24 11.11
C GLU A 9 2.87 2.55 10.10
N GLY A 10 2.84 1.77 9.01
CA GLY A 10 1.84 1.98 7.98
C GLY A 10 2.44 2.11 6.60
N TYR A 11 3.46 2.96 6.48
CA TYR A 11 4.12 3.18 5.20
C TYR A 11 4.67 1.86 4.65
N TRP A 12 4.82 1.80 3.33
CA TRP A 12 5.35 0.60 2.67
C TRP A 12 6.64 0.91 1.94
N ASP A 13 7.68 0.13 2.23
CA ASP A 13 8.97 0.32 1.59
C ASP A 13 8.98 -0.27 0.18
N CYS A 14 9.26 0.58 -0.81
CA CYS A 14 9.29 0.16 -2.20
C CYS A 14 10.44 -0.82 -2.44
N SER A 15 10.43 -1.45 -3.60
CA SER A 15 11.47 -2.41 -3.96
C SER A 15 12.26 -1.94 -5.18
N VAL A 16 11.58 -1.25 -6.09
CA VAL A 16 12.20 -0.75 -7.30
C VAL A 16 13.13 0.42 -6.98
N CYS A 17 12.60 1.42 -6.29
CA CYS A 17 13.39 2.60 -5.93
C CYS A 17 13.68 2.61 -4.43
N THR A 18 13.11 1.65 -3.71
CA THR A 18 13.30 1.55 -2.27
C THR A 18 13.01 2.87 -1.58
N PHE A 19 12.01 3.58 -2.07
CA PHE A 19 11.62 4.86 -1.50
C PHE A 19 10.54 4.68 -0.43
N ARG A 20 10.52 5.60 0.53
CA ARG A 20 9.55 5.54 1.62
C ARG A 20 8.22 6.14 1.18
N ASN A 21 7.17 5.33 1.21
CA ASN A 21 5.84 5.79 0.82
C ASN A 21 4.83 5.57 1.94
N SER A 22 3.96 6.55 2.15
CA SER A 22 2.95 6.46 3.20
C SER A 22 2.05 5.26 2.99
N ALA A 23 1.11 5.07 3.91
CA ALA A 23 0.17 3.95 3.83
C ALA A 23 -0.99 4.27 2.90
N GLU A 24 -1.55 5.47 3.04
CA GLU A 24 -2.66 5.90 2.22
C GLU A 24 -2.30 5.84 0.73
N ALA A 25 -1.07 6.23 0.41
CA ALA A 25 -0.60 6.21 -0.97
C ALA A 25 -0.80 4.84 -1.60
N PHE A 26 -1.69 4.76 -2.58
CA PHE A 26 -1.97 3.50 -3.26
C PHE A 26 -0.74 3.00 -4.00
N LYS A 27 -0.04 3.91 -4.68
CA LYS A 27 1.15 3.56 -5.43
C LYS A 27 2.34 4.41 -4.99
N CYS A 28 3.53 4.05 -5.46
CA CYS A 28 4.74 4.78 -5.10
C CYS A 28 4.69 6.22 -5.61
N MET A 29 5.48 7.09 -4.99
CA MET A 29 5.52 8.49 -5.38
C MET A 29 6.80 8.80 -6.14
N MET A 30 7.89 8.12 -5.79
CA MET A 30 9.17 8.33 -6.44
C MET A 30 9.20 7.67 -7.82
N CYS A 31 9.14 6.35 -7.84
CA CYS A 31 9.15 5.60 -9.09
C CYS A 31 7.75 5.45 -9.66
N ASP A 32 6.75 5.49 -8.77
CA ASP A 32 5.36 5.37 -9.19
C ASP A 32 5.07 3.96 -9.72
N VAL A 33 5.55 2.95 -9.00
CA VAL A 33 5.33 1.57 -9.39
C VAL A 33 4.21 0.92 -8.58
N ARG A 34 3.30 0.26 -9.27
CA ARG A 34 2.18 -0.40 -8.63
C ARG A 34 2.66 -1.31 -7.50
N LYS A 35 1.92 -1.31 -6.38
CA LYS A 35 2.27 -2.13 -5.23
C LYS A 35 1.23 -3.23 -5.01
N GLY A 36 -0.03 -2.89 -5.23
CA GLY A 36 -1.10 -3.86 -5.06
C GLY A 36 -1.92 -3.58 -3.81
N THR A 37 -2.72 -4.56 -3.40
CA THR A 37 -3.57 -4.42 -2.23
C THR A 37 -2.76 -4.57 -0.95
N SER A 38 -2.72 -3.52 -0.14
CA SER A 38 -1.98 -3.53 1.12
C SER A 38 -2.85 -4.06 2.25
N THR A 39 -4.10 -3.63 2.28
CA THR A 39 -5.04 -4.05 3.31
C THR A 39 -5.29 -5.56 3.25
N ARG A 40 -4.76 -6.28 4.21
CA ARG A 40 -4.93 -7.73 4.26
C ARG A 40 -6.41 -8.11 4.23
N LYS A 41 -7.18 -7.48 5.11
CA LYS A 41 -8.62 -7.75 5.19
C LYS A 41 -9.41 -6.72 4.40
N PRO A 42 -9.88 -7.12 3.21
CA PRO A 42 -10.67 -6.25 2.33
C PRO A 42 -12.05 -5.95 2.88
N ARG A 43 -12.87 -5.26 2.10
CA ARG A 43 -14.23 -4.92 2.51
C ARG A 43 -15.26 -5.63 1.65
N PRO A 44 -16.33 -6.11 2.29
CA PRO A 44 -17.41 -6.83 1.61
C PRO A 44 -18.24 -5.91 0.72
N VAL A 45 -18.68 -4.79 1.29
CA VAL A 45 -19.49 -3.82 0.54
C VAL A 45 -19.10 -2.39 0.91
N SER A 46 -19.05 -1.53 -0.09
CA SER A 46 -18.70 -0.13 0.12
C SER A 46 -19.83 0.79 -0.30
N GLN A 47 -20.35 1.57 0.65
CA GLN A 47 -21.44 2.49 0.37
C GLN A 47 -20.91 3.81 -0.18
N SER A 48 -19.75 4.22 0.30
CA SER A 48 -19.14 5.46 -0.14
C SER A 48 -18.76 5.39 -1.62
N GLY A 49 -17.89 4.45 -1.95
CA GLY A 49 -17.46 4.29 -3.33
C GLY A 49 -16.56 5.41 -3.80
N PRO A 50 -17.04 6.21 -4.75
CA PRO A 50 -16.29 7.34 -5.30
C PRO A 50 -16.13 8.48 -4.30
N SER A 51 -16.63 8.27 -3.10
CA SER A 51 -16.55 9.28 -2.04
C SER A 51 -15.42 8.95 -1.07
N SER A 52 -14.98 9.96 -0.32
CA SER A 52 -13.90 9.80 0.64
C SER A 52 -14.46 9.54 2.04
N GLY A 53 -15.73 9.16 2.10
CA GLY A 53 -16.36 8.88 3.38
C GLY A 53 -15.55 7.92 4.24
ZN ZN B . 9.20 3.15 -5.87
N GLY A 1 1.37 4.03 28.71
CA GLY A 1 1.04 3.62 27.35
C GLY A 1 1.06 4.78 26.38
N SER A 2 0.85 4.48 25.10
CA SER A 2 0.85 5.50 24.07
C SER A 2 -0.38 5.37 23.17
N SER A 3 -1.00 6.50 22.85
CA SER A 3 -2.19 6.50 22.00
C SER A 3 -1.80 6.48 20.53
N GLY A 4 -1.10 7.51 20.08
CA GLY A 4 -0.67 7.58 18.70
C GLY A 4 -1.83 7.85 17.75
N SER A 5 -1.53 8.46 16.61
CA SER A 5 -2.55 8.77 15.62
C SER A 5 -2.66 7.66 14.59
N SER A 6 -3.87 7.18 14.36
CA SER A 6 -4.11 6.12 13.39
C SER A 6 -3.73 6.57 11.99
N GLY A 7 -3.44 5.60 11.13
CA GLY A 7 -3.08 5.92 9.75
C GLY A 7 -1.57 6.08 9.58
N ASP A 8 -0.97 6.91 10.43
CA ASP A 8 0.46 7.15 10.37
C ASP A 8 1.24 5.84 10.29
N GLU A 9 0.93 4.92 11.21
CA GLU A 9 1.60 3.62 11.26
C GLU A 9 1.00 2.67 10.23
N GLY A 10 1.77 2.36 9.19
CA GLY A 10 1.30 1.46 8.15
C GLY A 10 1.88 1.79 6.80
N TYR A 11 3.12 2.27 6.79
CA TYR A 11 3.79 2.62 5.54
C TYR A 11 4.40 1.40 4.88
N TRP A 12 4.47 1.41 3.56
CA TRP A 12 5.03 0.30 2.80
C TRP A 12 6.30 0.72 2.08
N ASP A 13 7.35 -0.08 2.22
CA ASP A 13 8.63 0.21 1.57
C ASP A 13 8.63 -0.27 0.12
N CYS A 14 9.13 0.58 -0.77
CA CYS A 14 9.18 0.25 -2.19
C CYS A 14 10.35 -0.69 -2.49
N SER A 15 10.29 -1.35 -3.64
CA SER A 15 11.34 -2.28 -4.04
C SER A 15 12.06 -1.78 -5.28
N VAL A 16 11.33 -1.11 -6.16
CA VAL A 16 11.90 -0.57 -7.39
C VAL A 16 12.96 0.49 -7.09
N CYS A 17 12.51 1.59 -6.49
CA CYS A 17 13.41 2.69 -6.14
C CYS A 17 13.73 2.68 -4.65
N THR A 18 13.21 1.68 -3.94
CA THR A 18 13.42 1.57 -2.51
C THR A 18 13.06 2.86 -1.78
N PHE A 19 12.07 3.57 -2.32
CA PHE A 19 11.62 4.83 -1.72
C PHE A 19 10.53 4.59 -0.69
N ARG A 20 10.50 5.43 0.34
CA ARG A 20 9.50 5.31 1.39
C ARG A 20 8.24 6.10 1.03
N ASN A 21 7.10 5.41 1.02
CA ASN A 21 5.83 6.04 0.69
C ASN A 21 4.86 5.95 1.87
N SER A 22 3.81 6.76 1.83
CA SER A 22 2.81 6.76 2.89
C SER A 22 1.78 5.65 2.68
N ALA A 23 1.15 5.22 3.76
CA ALA A 23 0.14 4.17 3.70
C ALA A 23 -0.98 4.53 2.73
N GLU A 24 -1.54 5.73 2.91
CA GLU A 24 -2.62 6.19 2.04
C GLU A 24 -2.25 6.03 0.57
N ALA A 25 -1.01 6.36 0.23
CA ALA A 25 -0.54 6.25 -1.14
C ALA A 25 -0.51 4.78 -1.58
N PHE A 26 -1.40 4.44 -2.51
CA PHE A 26 -1.48 3.08 -3.03
C PHE A 26 -0.20 2.70 -3.77
N LYS A 27 0.29 3.60 -4.60
CA LYS A 27 1.50 3.37 -5.38
C LYS A 27 2.63 4.28 -4.90
N CYS A 28 3.85 3.96 -5.30
CA CYS A 28 5.02 4.75 -4.91
C CYS A 28 4.87 6.19 -5.38
N MET A 29 5.71 7.07 -4.84
CA MET A 29 5.68 8.49 -5.20
C MET A 29 6.89 8.86 -6.06
N MET A 30 8.01 8.19 -5.81
CA MET A 30 9.24 8.46 -6.55
C MET A 30 9.18 7.84 -7.94
N CYS A 31 9.13 6.50 -7.99
CA CYS A 31 9.06 5.79 -9.25
C CYS A 31 7.61 5.58 -9.69
N ASP A 32 6.70 5.67 -8.73
CA ASP A 32 5.28 5.50 -9.02
C ASP A 32 4.99 4.08 -9.51
N VAL A 33 5.52 3.09 -8.78
CA VAL A 33 5.32 1.69 -9.13
C VAL A 33 4.15 1.09 -8.36
N ARG A 34 3.54 0.06 -8.94
CA ARG A 34 2.41 -0.60 -8.31
C ARG A 34 2.86 -1.46 -7.13
N LYS A 35 2.09 -1.45 -6.05
CA LYS A 35 2.41 -2.23 -4.87
C LYS A 35 1.39 -3.34 -4.65
N GLY A 36 1.64 -4.18 -3.65
CA GLY A 36 0.73 -5.27 -3.35
C GLY A 36 0.76 -6.35 -4.41
N THR A 37 1.65 -7.32 -4.23
CA THR A 37 1.78 -8.43 -5.18
C THR A 37 1.61 -9.77 -4.49
N SER A 38 0.91 -10.69 -5.15
CA SER A 38 0.67 -12.01 -4.60
C SER A 38 0.88 -13.10 -5.66
N THR A 39 0.78 -14.36 -5.24
CA THR A 39 0.95 -15.47 -6.15
C THR A 39 -0.34 -15.80 -6.87
N ARG A 40 -1.41 -16.00 -6.11
CA ARG A 40 -2.71 -16.33 -6.67
C ARG A 40 -3.79 -15.38 -6.13
N LYS A 41 -4.50 -14.74 -7.05
CA LYS A 41 -5.56 -13.81 -6.66
C LYS A 41 -6.91 -14.52 -6.58
N PRO A 42 -7.49 -14.54 -5.37
CA PRO A 42 -8.79 -15.19 -5.13
C PRO A 42 -9.94 -14.43 -5.79
N ARG A 43 -9.61 -13.40 -6.56
CA ARG A 43 -10.61 -12.60 -7.25
C ARG A 43 -10.68 -12.96 -8.73
N PRO A 44 -11.80 -12.61 -9.37
CA PRO A 44 -12.01 -12.88 -10.80
C PRO A 44 -11.12 -12.03 -11.69
N VAL A 45 -11.03 -12.40 -12.96
CA VAL A 45 -10.21 -11.68 -13.92
C VAL A 45 -10.42 -10.18 -13.80
N SER A 46 -11.69 -9.76 -13.84
CA SER A 46 -12.04 -8.35 -13.74
C SER A 46 -13.42 -8.17 -13.14
N GLN A 47 -13.67 -7.01 -12.55
CA GLN A 47 -14.96 -6.71 -11.94
C GLN A 47 -16.00 -6.38 -13.01
N SER A 48 -17.27 -6.60 -12.67
CA SER A 48 -18.36 -6.32 -13.60
C SER A 48 -18.21 -7.14 -14.89
N GLY A 49 -17.83 -8.41 -14.72
CA GLY A 49 -17.65 -9.28 -15.87
C GLY A 49 -18.79 -10.28 -16.03
N PRO A 50 -18.50 -11.56 -15.78
CA PRO A 50 -19.49 -12.63 -15.89
C PRO A 50 -20.54 -12.56 -14.79
N SER A 51 -20.09 -12.44 -13.55
CA SER A 51 -20.99 -12.36 -12.41
C SER A 51 -21.08 -10.93 -11.88
N SER A 52 -22.10 -10.67 -11.06
CA SER A 52 -22.30 -9.35 -10.48
C SER A 52 -22.07 -9.37 -8.97
N GLY A 53 -21.82 -8.19 -8.40
CA GLY A 53 -21.60 -8.10 -6.97
C GLY A 53 -20.35 -7.29 -6.63
ZN ZN B . 9.42 3.36 -5.81
N GLY A 1 8.46 22.35 21.06
CA GLY A 1 9.30 22.46 19.88
C GLY A 1 8.50 22.33 18.59
N SER A 2 8.03 23.46 18.07
CA SER A 2 7.25 23.46 16.84
C SER A 2 7.87 22.55 15.79
N SER A 3 9.13 22.83 15.43
CA SER A 3 9.84 22.03 14.44
C SER A 3 10.02 20.60 14.93
N GLY A 4 10.16 19.67 13.99
CA GLY A 4 10.35 18.27 14.34
C GLY A 4 10.19 17.35 13.14
N SER A 5 10.14 16.05 13.42
CA SER A 5 9.98 15.05 12.36
C SER A 5 8.71 14.25 12.54
N SER A 6 7.96 14.10 11.46
CA SER A 6 6.70 13.35 11.50
C SER A 6 6.91 11.91 11.02
N GLY A 7 6.13 10.99 11.57
CA GLY A 7 6.24 9.59 11.20
C GLY A 7 4.92 8.86 11.28
N ASP A 8 4.70 7.93 10.36
CA ASP A 8 3.47 7.16 10.33
C ASP A 8 3.77 5.66 10.28
N GLU A 9 3.51 4.96 11.39
CA GLU A 9 3.76 3.54 11.46
C GLU A 9 3.18 2.82 10.24
N GLY A 10 2.06 3.32 9.75
CA GLY A 10 1.43 2.71 8.59
C GLY A 10 2.10 3.11 7.29
N TYR A 11 3.29 2.56 7.05
CA TYR A 11 4.03 2.86 5.84
C TYR A 11 4.54 1.58 5.17
N TRP A 12 4.78 1.65 3.87
CA TRP A 12 5.26 0.50 3.11
C TRP A 12 6.51 0.86 2.31
N ASP A 13 7.56 0.05 2.47
CA ASP A 13 8.81 0.29 1.77
C ASP A 13 8.73 -0.21 0.33
N CYS A 14 9.08 0.65 -0.61
CA CYS A 14 9.05 0.30 -2.03
C CYS A 14 10.17 -0.67 -2.37
N SER A 15 10.04 -1.35 -3.51
CA SER A 15 11.05 -2.30 -3.96
C SER A 15 11.71 -1.83 -5.24
N VAL A 16 10.95 -1.13 -6.07
CA VAL A 16 11.45 -0.61 -7.34
C VAL A 16 12.57 0.39 -7.12
N CYS A 17 12.25 1.49 -6.43
CA CYS A 17 13.23 2.53 -6.15
C CYS A 17 13.59 2.55 -4.67
N THR A 18 13.04 1.60 -3.92
CA THR A 18 13.31 1.50 -2.49
C THR A 18 12.97 2.81 -1.78
N PHE A 19 11.97 3.52 -2.30
CA PHE A 19 11.55 4.78 -1.73
C PHE A 19 10.48 4.56 -0.64
N ARG A 20 10.53 5.40 0.39
CA ARG A 20 9.57 5.30 1.49
C ARG A 20 8.27 6.02 1.15
N ASN A 21 7.15 5.30 1.25
CA ASN A 21 5.84 5.86 0.95
C ASN A 21 4.90 5.71 2.15
N SER A 22 3.75 6.37 2.06
CA SER A 22 2.77 6.31 3.14
C SER A 22 1.65 5.32 2.80
N ALA A 23 1.07 4.72 3.84
CA ALA A 23 -0.01 3.75 3.64
C ALA A 23 -1.07 4.30 2.70
N GLU A 24 -1.48 5.54 2.93
CA GLU A 24 -2.50 6.18 2.10
C GLU A 24 -2.19 5.98 0.62
N ALA A 25 -1.03 6.45 0.19
CA ALA A 25 -0.61 6.31 -1.20
C ALA A 25 -0.66 4.86 -1.65
N PHE A 26 -1.50 4.58 -2.64
CA PHE A 26 -1.64 3.23 -3.17
C PHE A 26 -0.37 2.79 -3.90
N LYS A 27 0.20 3.72 -4.66
CA LYS A 27 1.42 3.44 -5.42
C LYS A 27 2.57 4.31 -4.93
N CYS A 28 3.75 4.10 -5.51
CA CYS A 28 4.94 4.86 -5.14
C CYS A 28 4.84 6.30 -5.67
N MET A 29 5.64 7.18 -5.08
CA MET A 29 5.64 8.59 -5.48
C MET A 29 6.90 8.92 -6.28
N MET A 30 7.97 8.16 -6.03
CA MET A 30 9.23 8.38 -6.72
C MET A 30 9.24 7.64 -8.05
N CYS A 31 9.13 6.31 -7.99
CA CYS A 31 9.13 5.48 -9.19
C CYS A 31 7.73 5.37 -9.77
N ASP A 32 6.73 5.74 -8.98
CA ASP A 32 5.34 5.68 -9.41
C ASP A 32 5.00 4.29 -9.95
N VAL A 33 5.46 3.26 -9.24
CA VAL A 33 5.20 1.88 -9.65
C VAL A 33 4.30 1.18 -8.64
N ARG A 34 3.44 0.30 -9.13
CA ARG A 34 2.52 -0.45 -8.27
C ARG A 34 3.27 -1.12 -7.13
N LYS A 35 2.60 -1.29 -6.00
CA LYS A 35 3.20 -1.92 -4.83
C LYS A 35 2.57 -3.30 -4.58
N GLY A 36 1.29 -3.43 -4.88
CA GLY A 36 0.61 -4.69 -4.68
C GLY A 36 -0.80 -4.51 -4.15
N THR A 37 -1.79 -4.54 -5.06
CA THR A 37 -3.18 -4.36 -4.67
C THR A 37 -3.50 -5.15 -3.41
N SER A 38 -3.03 -6.40 -3.35
CA SER A 38 -3.27 -7.26 -2.19
C SER A 38 -1.96 -7.61 -1.50
N THR A 39 -2.07 -8.30 -0.37
CA THR A 39 -0.89 -8.70 0.40
C THR A 39 -0.89 -10.20 0.66
N ARG A 40 0.30 -10.77 0.83
CA ARG A 40 0.43 -12.20 1.09
C ARG A 40 -0.69 -12.69 2.01
N LYS A 41 -0.84 -12.04 3.16
CA LYS A 41 -1.88 -12.41 4.11
C LYS A 41 -3.18 -11.67 3.82
N PRO A 42 -4.19 -12.41 3.33
CA PRO A 42 -5.50 -11.85 3.01
C PRO A 42 -6.28 -11.43 4.25
N ARG A 43 -5.79 -11.85 5.41
CA ARG A 43 -6.44 -11.52 6.67
C ARG A 43 -6.03 -10.13 7.15
N PRO A 44 -6.84 -9.56 8.06
CA PRO A 44 -6.58 -8.23 8.62
C PRO A 44 -5.36 -8.21 9.53
N VAL A 45 -4.75 -7.03 9.66
CA VAL A 45 -3.57 -6.87 10.50
C VAL A 45 -3.96 -6.52 11.93
N SER A 46 -5.06 -5.78 12.07
CA SER A 46 -5.53 -5.35 13.38
C SER A 46 -6.95 -4.79 13.29
N GLN A 47 -7.66 -4.77 14.42
CA GLN A 47 -9.02 -4.25 14.46
C GLN A 47 -9.08 -2.83 13.90
N SER A 48 -10.11 -2.56 13.11
CA SER A 48 -10.28 -1.24 12.51
C SER A 48 -11.17 -0.37 13.38
N GLY A 49 -10.68 0.82 13.72
CA GLY A 49 -11.44 1.73 14.55
C GLY A 49 -11.94 2.94 13.77
N PRO A 50 -13.02 3.56 14.27
CA PRO A 50 -13.62 4.73 13.63
C PRO A 50 -12.73 5.97 13.74
N SER A 51 -12.01 6.27 12.66
CA SER A 51 -11.12 7.43 12.64
C SER A 51 -11.65 8.51 11.71
N SER A 52 -11.76 9.73 12.22
CA SER A 52 -12.25 10.86 11.44
C SER A 52 -11.19 11.34 10.45
N GLY A 53 -10.01 11.67 10.97
CA GLY A 53 -8.93 12.14 10.13
C GLY A 53 -7.57 11.76 10.67
ZN ZN B . 9.32 3.21 -5.80
N GLY A 1 4.19 16.66 7.29
CA GLY A 1 3.27 15.58 7.54
C GLY A 1 2.48 15.76 8.81
N SER A 2 1.83 14.70 9.28
CA SER A 2 1.03 14.75 10.49
C SER A 2 1.76 14.07 11.65
N SER A 3 2.11 14.86 12.67
CA SER A 3 2.82 14.34 13.84
C SER A 3 1.87 14.26 15.03
N GLY A 4 2.25 13.43 16.01
CA GLY A 4 1.44 13.27 17.20
C GLY A 4 1.04 11.83 17.45
N SER A 5 -0.25 11.60 17.66
CA SER A 5 -0.75 10.25 17.92
C SER A 5 -1.28 9.62 16.63
N SER A 6 -0.51 8.69 16.08
CA SER A 6 -0.90 8.01 14.85
C SER A 6 -0.39 6.57 14.84
N GLY A 7 -1.11 5.69 14.15
CA GLY A 7 -0.72 4.30 14.08
C GLY A 7 0.68 4.13 13.52
N ASP A 8 1.65 3.93 14.40
CA ASP A 8 3.03 3.75 13.99
C ASP A 8 3.15 2.64 12.94
N GLU A 9 4.29 2.60 12.26
CA GLU A 9 4.53 1.58 11.24
C GLU A 9 3.45 1.64 10.16
N GLY A 10 3.06 2.85 9.78
CA GLY A 10 2.04 3.02 8.76
C GLY A 10 2.61 3.45 7.42
N TYR A 11 3.55 2.66 6.91
CA TYR A 11 4.18 2.97 5.63
C TYR A 11 4.73 1.70 4.98
N TRP A 12 4.63 1.64 3.65
CA TRP A 12 5.12 0.48 2.90
C TRP A 12 6.35 0.85 2.09
N ASP A 13 7.39 0.02 2.18
CA ASP A 13 8.62 0.25 1.43
C ASP A 13 8.46 -0.14 -0.03
N CYS A 14 9.27 0.46 -0.89
CA CYS A 14 9.22 0.18 -2.32
C CYS A 14 10.24 -0.88 -2.70
N SER A 15 10.07 -1.46 -3.89
CA SER A 15 10.98 -2.50 -4.37
C SER A 15 11.82 -1.97 -5.54
N VAL A 16 11.25 -1.06 -6.32
CA VAL A 16 11.94 -0.48 -7.46
C VAL A 16 12.99 0.53 -7.02
N CYS A 17 12.53 1.60 -6.39
CA CYS A 17 13.42 2.65 -5.91
C CYS A 17 13.57 2.59 -4.39
N THR A 18 12.89 1.63 -3.77
CA THR A 18 12.94 1.47 -2.33
C THR A 18 12.69 2.78 -1.61
N PHE A 19 11.88 3.64 -2.22
CA PHE A 19 11.56 4.94 -1.64
C PHE A 19 10.44 4.81 -0.61
N ARG A 20 10.54 5.59 0.46
CA ARG A 20 9.55 5.57 1.52
C ARG A 20 8.26 6.24 1.08
N ASN A 21 7.13 5.55 1.22
CA ASN A 21 5.83 6.08 0.83
C ASN A 21 4.83 5.94 1.96
N SER A 22 3.82 6.82 1.96
CA SER A 22 2.79 6.79 2.99
C SER A 22 1.77 5.69 2.72
N ALA A 23 1.27 5.08 3.79
CA ALA A 23 0.29 4.01 3.67
C ALA A 23 -0.85 4.41 2.73
N GLU A 24 -1.49 5.54 3.04
CA GLU A 24 -2.59 6.02 2.22
C GLU A 24 -2.29 5.86 0.73
N ALA A 25 -1.10 6.25 0.32
CA ALA A 25 -0.69 6.14 -1.06
C ALA A 25 -0.76 4.70 -1.55
N PHE A 26 -1.48 4.48 -2.64
CA PHE A 26 -1.63 3.14 -3.20
C PHE A 26 -0.36 2.71 -3.93
N LYS A 27 0.24 3.63 -4.67
CA LYS A 27 1.46 3.35 -5.41
C LYS A 27 2.59 4.25 -4.95
N CYS A 28 3.82 3.90 -5.33
CA CYS A 28 4.99 4.68 -4.96
C CYS A 28 4.86 6.13 -5.42
N MET A 29 5.71 7.00 -4.87
CA MET A 29 5.68 8.41 -5.23
C MET A 29 6.89 8.78 -6.08
N MET A 30 8.03 8.15 -5.78
CA MET A 30 9.26 8.42 -6.51
C MET A 30 9.23 7.76 -7.88
N CYS A 31 9.22 6.43 -7.88
CA CYS A 31 9.19 5.66 -9.13
C CYS A 31 7.76 5.48 -9.62
N ASP A 32 6.80 5.59 -8.71
CA ASP A 32 5.40 5.45 -9.05
C ASP A 32 5.12 4.04 -9.58
N VAL A 33 5.63 3.04 -8.88
CA VAL A 33 5.43 1.65 -9.28
C VAL A 33 4.32 0.99 -8.48
N ARG A 34 3.55 0.13 -9.14
CA ARG A 34 2.45 -0.57 -8.48
C ARG A 34 2.94 -1.35 -7.26
N LYS A 35 2.12 -1.38 -6.22
CA LYS A 35 2.47 -2.09 -4.99
C LYS A 35 1.64 -3.36 -4.84
N GLY A 36 1.99 -4.18 -3.85
CA GLY A 36 1.26 -5.41 -3.62
C GLY A 36 2.17 -6.63 -3.65
N THR A 37 3.11 -6.68 -2.72
CA THR A 37 4.04 -7.80 -2.64
C THR A 37 3.37 -9.04 -2.04
N SER A 38 2.55 -8.82 -1.02
CA SER A 38 1.84 -9.92 -0.36
C SER A 38 0.88 -10.61 -1.32
N THR A 39 0.01 -9.81 -1.94
CA THR A 39 -0.96 -10.36 -2.88
C THR A 39 -0.27 -11.01 -4.07
N ARG A 40 0.89 -10.50 -4.44
CA ARG A 40 1.66 -11.04 -5.55
C ARG A 40 2.42 -12.30 -5.13
N LYS A 41 1.88 -13.46 -5.50
CA LYS A 41 2.52 -14.73 -5.16
C LYS A 41 3.72 -14.99 -6.05
N PRO A 42 4.90 -15.18 -5.42
CA PRO A 42 6.15 -15.44 -6.12
C PRO A 42 6.17 -16.81 -6.78
N ARG A 43 5.06 -17.53 -6.67
CA ARG A 43 4.95 -18.86 -7.25
C ARG A 43 5.16 -18.82 -8.76
N PRO A 44 5.80 -19.86 -9.30
CA PRO A 44 6.07 -19.96 -10.74
C PRO A 44 4.81 -20.20 -11.55
N VAL A 45 3.66 -20.15 -10.89
CA VAL A 45 2.38 -20.35 -11.55
C VAL A 45 1.92 -19.08 -12.27
N SER A 46 1.60 -19.23 -13.55
CA SER A 46 1.15 -18.09 -14.35
C SER A 46 -0.35 -18.17 -14.64
N GLN A 47 -1.00 -17.02 -14.69
CA GLN A 47 -2.43 -16.96 -14.95
C GLN A 47 -2.83 -15.60 -15.51
N SER A 48 -3.75 -15.61 -16.47
CA SER A 48 -4.22 -14.38 -17.10
C SER A 48 -5.75 -14.32 -17.12
N GLY A 49 -6.29 -13.11 -17.05
CA GLY A 49 -7.73 -12.93 -17.07
C GLY A 49 -8.22 -12.06 -15.93
N PRO A 50 -9.38 -11.43 -16.12
CA PRO A 50 -9.98 -10.55 -15.11
C PRO A 50 -10.49 -11.31 -13.90
N SER A 51 -9.77 -11.21 -12.80
CA SER A 51 -10.14 -11.90 -11.56
C SER A 51 -11.48 -11.39 -11.04
N SER A 52 -12.43 -12.30 -10.87
CA SER A 52 -13.75 -11.95 -10.38
C SER A 52 -14.53 -13.19 -9.95
N GLY A 53 -15.49 -12.99 -9.05
CA GLY A 53 -16.30 -14.11 -8.58
C GLY A 53 -16.62 -15.10 -9.68
ZN ZN B . 9.47 3.35 -5.88
N GLY A 1 -6.11 9.85 14.22
CA GLY A 1 -6.24 11.15 14.86
C GLY A 1 -6.38 12.28 13.85
N SER A 2 -7.43 13.07 13.98
CA SER A 2 -7.67 14.19 13.08
C SER A 2 -6.41 15.05 12.94
N SER A 3 -5.79 15.36 14.06
CA SER A 3 -4.58 16.18 14.07
C SER A 3 -3.60 15.72 12.99
N GLY A 4 -3.28 14.42 13.01
CA GLY A 4 -2.37 13.88 12.03
C GLY A 4 -2.75 12.48 11.60
N SER A 5 -2.63 12.20 10.31
CA SER A 5 -2.98 10.89 9.76
C SER A 5 -1.80 9.92 9.90
N SER A 6 -0.61 10.40 9.57
CA SER A 6 0.59 9.58 9.65
C SER A 6 0.94 9.26 11.10
N GLY A 7 0.91 7.98 11.44
CA GLY A 7 1.22 7.56 12.80
C GLY A 7 2.33 6.53 12.85
N ASP A 8 2.06 5.41 13.53
CA ASP A 8 3.04 4.34 13.65
C ASP A 8 2.72 3.19 12.69
N GLU A 9 3.75 2.62 12.10
CA GLU A 9 3.58 1.51 11.16
C GLU A 9 2.56 1.87 10.09
N GLY A 10 2.62 3.11 9.61
CA GLY A 10 1.71 3.55 8.58
C GLY A 10 2.41 3.88 7.27
N TYR A 11 3.33 3.02 6.87
CA TYR A 11 4.09 3.22 5.64
C TYR A 11 4.57 1.88 5.08
N TRP A 12 4.79 1.84 3.76
CA TRP A 12 5.26 0.63 3.11
C TRP A 12 6.56 0.88 2.37
N ASP A 13 7.49 -0.06 2.47
CA ASP A 13 8.79 0.06 1.81
C ASP A 13 8.70 -0.38 0.35
N CYS A 14 9.07 0.51 -0.56
CA CYS A 14 9.03 0.21 -1.98
C CYS A 14 10.12 -0.78 -2.36
N SER A 15 9.97 -1.42 -3.52
CA SER A 15 10.93 -2.39 -4.00
C SER A 15 11.63 -1.90 -5.27
N VAL A 16 10.91 -1.11 -6.06
CA VAL A 16 11.46 -0.57 -7.30
C VAL A 16 12.57 0.44 -7.02
N CYS A 17 12.23 1.51 -6.29
CA CYS A 17 13.20 2.53 -5.96
C CYS A 17 13.51 2.52 -4.45
N THR A 18 13.00 1.51 -3.77
CA THR A 18 13.22 1.39 -2.33
C THR A 18 12.93 2.70 -1.61
N PHE A 19 12.00 3.47 -2.15
CA PHE A 19 11.64 4.76 -1.55
C PHE A 19 10.55 4.58 -0.49
N ARG A 20 10.55 5.49 0.48
CA ARG A 20 9.57 5.43 1.56
C ARG A 20 8.29 6.17 1.18
N ASN A 21 7.16 5.46 1.29
CA ASN A 21 5.86 6.04 0.94
C ASN A 21 4.91 5.98 2.14
N SER A 22 3.71 6.52 1.95
CA SER A 22 2.71 6.53 3.01
C SER A 22 1.70 5.39 2.81
N ALA A 23 1.28 4.78 3.91
CA ALA A 23 0.32 3.68 3.86
C ALA A 23 -0.85 4.02 2.96
N GLU A 24 -1.35 5.25 3.08
CA GLU A 24 -2.48 5.70 2.26
C GLU A 24 -2.17 5.55 0.78
N ALA A 25 -1.05 6.11 0.35
CA ALA A 25 -0.64 6.04 -1.05
C ALA A 25 -0.60 4.60 -1.53
N PHE A 26 -1.43 4.30 -2.53
CA PHE A 26 -1.49 2.95 -3.08
C PHE A 26 -0.30 2.68 -4.02
N LYS A 27 0.21 3.75 -4.62
CA LYS A 27 1.34 3.64 -5.53
C LYS A 27 2.50 4.50 -5.05
N CYS A 28 3.68 4.27 -5.63
CA CYS A 28 4.87 5.03 -5.26
C CYS A 28 4.82 6.44 -5.83
N MET A 29 5.58 7.35 -5.24
CA MET A 29 5.63 8.73 -5.69
C MET A 29 6.91 9.02 -6.45
N MET A 30 7.97 8.26 -6.14
CA MET A 30 9.26 8.44 -6.78
C MET A 30 9.31 7.66 -8.10
N CYS A 31 9.20 6.34 -8.00
CA CYS A 31 9.24 5.48 -9.18
C CYS A 31 7.86 5.38 -9.81
N ASP A 32 6.83 5.68 -9.04
CA ASP A 32 5.45 5.62 -9.53
C ASP A 32 5.12 4.22 -10.04
N VAL A 33 5.53 3.21 -9.28
CA VAL A 33 5.28 1.82 -9.66
C VAL A 33 4.31 1.16 -8.68
N ARG A 34 3.35 0.42 -9.22
CA ARG A 34 2.36 -0.26 -8.39
C ARG A 34 3.04 -1.12 -7.32
N LYS A 35 2.39 -1.25 -6.17
CA LYS A 35 2.93 -2.03 -5.07
C LYS A 35 2.12 -3.30 -4.85
N GLY A 36 1.22 -3.59 -5.80
CA GLY A 36 0.41 -4.79 -5.70
C GLY A 36 1.13 -6.03 -6.17
N THR A 37 0.65 -7.20 -5.75
CA THR A 37 1.25 -8.46 -6.14
C THR A 37 0.75 -8.92 -7.51
N SER A 38 -0.56 -8.84 -7.70
CA SER A 38 -1.18 -9.26 -8.96
C SER A 38 -2.00 -8.12 -9.56
N THR A 39 -1.74 -7.82 -10.83
CA THR A 39 -2.45 -6.76 -11.52
C THR A 39 -3.86 -7.19 -11.89
N ARG A 40 -4.84 -6.62 -11.20
CA ARG A 40 -6.24 -6.95 -11.45
C ARG A 40 -6.83 -6.01 -12.49
N LYS A 41 -6.67 -4.71 -12.29
CA LYS A 41 -7.19 -3.70 -13.21
C LYS A 41 -6.29 -3.58 -14.43
N PRO A 42 -6.91 -3.55 -15.61
CA PRO A 42 -6.19 -3.43 -16.88
C PRO A 42 -5.56 -2.05 -17.07
N ARG A 43 -5.66 -1.21 -16.03
CA ARG A 43 -5.11 0.13 -16.08
C ARG A 43 -3.72 0.17 -15.43
N PRO A 44 -2.71 0.51 -16.24
CA PRO A 44 -1.32 0.59 -15.76
C PRO A 44 -1.10 1.77 -14.81
N VAL A 45 -1.50 2.95 -15.23
CA VAL A 45 -1.35 4.15 -14.42
C VAL A 45 -2.34 5.24 -14.85
N SER A 46 -2.80 6.02 -13.89
CA SER A 46 -3.74 7.10 -14.17
C SER A 46 -3.70 8.17 -13.08
N GLN A 47 -3.76 9.42 -13.48
CA GLN A 47 -3.72 10.54 -12.54
C GLN A 47 -4.87 11.51 -12.80
N SER A 48 -5.83 11.54 -11.87
CA SER A 48 -6.98 12.43 -12.01
C SER A 48 -7.39 12.97 -10.64
N GLY A 49 -7.80 14.25 -10.63
CA GLY A 49 -8.22 14.88 -9.39
C GLY A 49 -9.61 14.44 -8.96
N PRO A 50 -10.63 15.00 -9.60
CA PRO A 50 -12.03 14.69 -9.30
C PRO A 50 -12.41 13.28 -9.72
N SER A 51 -13.29 12.65 -8.95
CA SER A 51 -13.73 11.29 -9.23
C SER A 51 -14.94 11.30 -10.18
N SER A 52 -15.94 12.10 -9.84
CA SER A 52 -17.14 12.20 -10.66
C SER A 52 -16.80 12.19 -12.15
N GLY A 53 -15.77 12.94 -12.51
CA GLY A 53 -15.35 13.01 -13.90
C GLY A 53 -14.00 12.35 -14.14
ZN ZN B . 9.28 3.26 -5.73
N GLY A 1 0.20 -3.90 30.84
CA GLY A 1 -0.61 -2.79 30.37
C GLY A 1 0.23 -1.69 29.75
N SER A 2 0.16 -1.58 28.43
CA SER A 2 0.93 -0.56 27.71
C SER A 2 0.28 0.81 27.88
N SER A 3 0.87 1.63 28.75
CA SER A 3 0.36 2.97 29.02
C SER A 3 0.75 3.93 27.89
N GLY A 4 2.03 3.90 27.52
CA GLY A 4 2.51 4.77 26.47
C GLY A 4 1.80 4.54 25.14
N SER A 5 1.03 5.53 24.71
CA SER A 5 0.29 5.42 23.46
C SER A 5 1.24 5.26 22.28
N SER A 6 0.69 4.87 21.14
CA SER A 6 1.49 4.67 19.94
C SER A 6 0.66 4.94 18.68
N GLY A 7 1.31 4.88 17.52
CA GLY A 7 0.62 5.13 16.27
C GLY A 7 1.54 5.71 15.21
N ASP A 8 2.65 5.03 14.96
CA ASP A 8 3.61 5.48 13.96
C ASP A 8 3.55 4.61 12.71
N GLU A 9 3.35 3.32 12.91
CA GLU A 9 3.27 2.37 11.80
C GLU A 9 2.21 2.82 10.78
N GLY A 10 2.38 2.38 9.54
CA GLY A 10 1.44 2.75 8.50
C GLY A 10 2.12 3.22 7.23
N TYR A 11 3.13 2.48 6.79
CA TYR A 11 3.88 2.83 5.59
C TYR A 11 4.49 1.58 4.95
N TRP A 12 4.78 1.68 3.66
CA TRP A 12 5.37 0.56 2.92
C TRP A 12 6.59 1.02 2.14
N ASP A 13 7.73 0.37 2.38
CA ASP A 13 8.97 0.71 1.69
C ASP A 13 9.01 0.07 0.31
N CYS A 14 9.13 0.91 -0.73
CA CYS A 14 9.18 0.43 -2.09
C CYS A 14 10.35 -0.53 -2.30
N SER A 15 10.32 -1.28 -3.39
CA SER A 15 11.38 -2.24 -3.70
C SER A 15 12.15 -1.80 -4.94
N VAL A 16 11.46 -1.17 -5.89
CA VAL A 16 12.09 -0.71 -7.11
C VAL A 16 13.07 0.42 -6.84
N CYS A 17 12.56 1.53 -6.32
CA CYS A 17 13.39 2.68 -6.01
C CYS A 17 13.71 2.74 -4.52
N THR A 18 13.28 1.72 -3.78
CA THR A 18 13.51 1.65 -2.35
C THR A 18 13.15 2.96 -1.66
N PHE A 19 12.14 3.64 -2.21
CA PHE A 19 11.69 4.91 -1.66
C PHE A 19 10.56 4.69 -0.66
N ARG A 20 10.71 5.25 0.54
CA ARG A 20 9.71 5.12 1.58
C ARG A 20 8.37 5.68 1.12
N ASN A 21 7.35 4.81 1.09
CA ASN A 21 6.02 5.22 0.66
C ASN A 21 5.06 5.28 1.85
N SER A 22 3.93 5.95 1.66
CA SER A 22 2.93 6.08 2.72
C SER A 22 1.72 5.21 2.42
N ALA A 23 1.23 4.52 3.46
CA ALA A 23 0.07 3.65 3.32
C ALA A 23 -1.03 4.33 2.50
N GLU A 24 -1.28 5.61 2.79
CA GLU A 24 -2.30 6.37 2.08
C GLU A 24 -2.08 6.31 0.57
N ALA A 25 -0.84 6.52 0.15
CA ALA A 25 -0.50 6.48 -1.26
C ALA A 25 -0.68 5.09 -1.84
N PHE A 26 -1.76 4.90 -2.60
CA PHE A 26 -2.05 3.61 -3.21
C PHE A 26 -0.79 3.00 -3.81
N LYS A 27 -0.05 3.80 -4.57
CA LYS A 27 1.17 3.34 -5.21
C LYS A 27 2.36 4.21 -4.80
N CYS A 28 3.55 3.84 -5.28
CA CYS A 28 4.76 4.59 -4.96
C CYS A 28 4.64 6.04 -5.43
N MET A 29 5.54 6.89 -4.93
CA MET A 29 5.54 8.30 -5.31
C MET A 29 6.80 8.65 -6.09
N MET A 30 7.88 7.95 -5.81
CA MET A 30 9.15 8.18 -6.49
C MET A 30 9.12 7.62 -7.90
N CYS A 31 8.99 6.30 -8.00
CA CYS A 31 8.95 5.63 -9.30
C CYS A 31 7.52 5.51 -9.81
N ASP A 32 6.56 5.69 -8.91
CA ASP A 32 5.15 5.61 -9.27
C ASP A 32 4.79 4.19 -9.73
N VAL A 33 5.41 3.20 -9.11
CA VAL A 33 5.16 1.81 -9.45
C VAL A 33 4.08 1.20 -8.57
N ARG A 34 3.28 0.31 -9.13
CA ARG A 34 2.21 -0.34 -8.39
C ARG A 34 2.76 -1.13 -7.20
N LYS A 35 2.03 -1.13 -6.10
CA LYS A 35 2.44 -1.85 -4.90
C LYS A 35 1.71 -3.18 -4.77
N GLY A 36 2.40 -4.18 -4.26
CA GLY A 36 1.80 -5.49 -4.09
C GLY A 36 2.71 -6.61 -4.57
N THR A 37 3.42 -7.24 -3.64
CA THR A 37 4.33 -8.33 -3.98
C THR A 37 3.65 -9.34 -4.89
N SER A 38 2.46 -9.79 -4.48
CA SER A 38 1.71 -10.76 -5.26
C SER A 38 0.53 -10.11 -5.98
N THR A 39 0.23 -10.59 -7.18
CA THR A 39 -0.87 -10.05 -7.97
C THR A 39 -2.21 -10.36 -7.32
N ARG A 40 -2.35 -11.57 -6.79
CA ARG A 40 -3.58 -11.98 -6.14
C ARG A 40 -3.89 -11.09 -4.95
N LYS A 41 -5.17 -11.04 -4.56
CA LYS A 41 -5.61 -10.23 -3.44
C LYS A 41 -6.62 -10.99 -2.58
N PRO A 42 -6.55 -10.75 -1.25
CA PRO A 42 -7.45 -11.39 -0.30
C PRO A 42 -8.89 -10.90 -0.42
N ARG A 43 -9.14 -10.08 -1.43
CA ARG A 43 -10.47 -9.53 -1.67
C ARG A 43 -11.50 -10.64 -1.75
N PRO A 44 -12.36 -10.74 -0.72
CA PRO A 44 -13.41 -11.76 -0.66
C PRO A 44 -14.52 -11.51 -1.67
N VAL A 45 -14.35 -10.48 -2.49
CA VAL A 45 -15.34 -10.13 -3.51
C VAL A 45 -14.94 -10.69 -4.87
N SER A 46 -15.92 -11.25 -5.57
CA SER A 46 -15.68 -11.84 -6.89
C SER A 46 -15.22 -10.76 -7.88
N GLN A 47 -14.40 -11.18 -8.85
CA GLN A 47 -13.89 -10.27 -9.85
C GLN A 47 -14.92 -10.03 -10.96
N SER A 48 -16.15 -10.48 -10.71
CA SER A 48 -17.21 -10.33 -11.69
C SER A 48 -17.54 -8.85 -11.92
N GLY A 49 -18.04 -8.19 -10.87
CA GLY A 49 -18.39 -6.79 -10.97
C GLY A 49 -19.85 -6.54 -10.66
N PRO A 50 -20.73 -6.83 -11.63
CA PRO A 50 -22.17 -6.64 -11.48
C PRO A 50 -22.78 -7.62 -10.49
N SER A 51 -22.80 -7.23 -9.22
CA SER A 51 -23.37 -8.07 -8.17
C SER A 51 -24.19 -7.25 -7.19
N SER A 52 -25.45 -7.63 -7.01
CA SER A 52 -26.34 -6.93 -6.09
C SER A 52 -25.98 -7.22 -4.64
N GLY A 53 -26.07 -8.49 -4.26
CA GLY A 53 -25.75 -8.89 -2.90
C GLY A 53 -26.40 -10.20 -2.51
ZN ZN B . 9.26 3.20 -5.96
N GLY A 1 -7.74 -0.48 19.50
CA GLY A 1 -8.81 -0.59 18.53
C GLY A 1 -8.47 -1.54 17.41
N SER A 2 -9.50 -1.96 16.67
CA SER A 2 -9.30 -2.89 15.55
C SER A 2 -7.97 -2.64 14.86
N SER A 3 -7.74 -1.38 14.47
CA SER A 3 -6.51 -1.01 13.79
C SER A 3 -5.47 -0.47 14.79
N GLY A 4 -4.21 -0.58 14.42
CA GLY A 4 -3.14 -0.10 15.29
C GLY A 4 -3.16 1.41 15.46
N SER A 5 -2.42 2.10 14.61
CA SER A 5 -2.35 3.56 14.66
C SER A 5 -1.86 4.13 13.33
N SER A 6 -1.91 5.46 13.22
CA SER A 6 -1.48 6.13 12.00
C SER A 6 -0.44 7.20 12.31
N GLY A 7 0.44 7.46 11.35
CA GLY A 7 1.47 8.46 11.53
C GLY A 7 2.81 7.85 11.89
N ASP A 8 2.86 7.14 13.00
CA ASP A 8 4.10 6.50 13.46
C ASP A 8 4.32 5.17 12.73
N GLU A 9 3.38 4.25 12.90
CA GLU A 9 3.47 2.94 12.27
C GLU A 9 2.42 2.79 11.17
N GLY A 10 2.87 2.87 9.92
CA GLY A 10 1.95 2.75 8.80
C GLY A 10 2.56 3.23 7.50
N TYR A 11 3.54 2.50 6.99
CA TYR A 11 4.20 2.87 5.75
C TYR A 11 4.82 1.64 5.07
N TRP A 12 4.74 1.61 3.75
CA TRP A 12 5.28 0.49 2.98
C TRP A 12 6.54 0.92 2.21
N ASP A 13 7.59 0.13 2.32
CA ASP A 13 8.85 0.42 1.64
C ASP A 13 8.83 -0.13 0.21
N CYS A 14 9.16 0.72 -0.75
CA CYS A 14 9.18 0.32 -2.15
C CYS A 14 10.36 -0.60 -2.44
N SER A 15 10.29 -1.32 -3.55
CA SER A 15 11.35 -2.24 -3.93
C SER A 15 12.05 -1.78 -5.20
N VAL A 16 11.31 -1.10 -6.06
CA VAL A 16 11.86 -0.59 -7.31
C VAL A 16 12.91 0.49 -7.06
N CYS A 17 12.50 1.57 -6.42
CA CYS A 17 13.42 2.67 -6.11
C CYS A 17 13.76 2.68 -4.63
N THR A 18 13.25 1.70 -3.89
CA THR A 18 13.52 1.60 -2.47
C THR A 18 13.14 2.90 -1.74
N PHE A 19 12.11 3.57 -2.26
CA PHE A 19 11.65 4.82 -1.66
C PHE A 19 10.52 4.57 -0.67
N ARG A 20 10.56 5.28 0.45
CA ARG A 20 9.54 5.13 1.49
C ARG A 20 8.30 5.94 1.14
N ASN A 21 7.14 5.29 1.23
CA ASN A 21 5.88 5.94 0.93
C ASN A 21 4.92 5.85 2.12
N SER A 22 3.74 6.45 1.97
CA SER A 22 2.74 6.44 3.02
C SER A 22 1.68 5.37 2.75
N ALA A 23 0.97 4.97 3.79
CA ALA A 23 -0.07 3.96 3.67
C ALA A 23 -1.22 4.46 2.79
N GLU A 24 -1.57 5.73 2.96
CA GLU A 24 -2.65 6.32 2.17
C GLU A 24 -2.40 6.16 0.67
N ALA A 25 -1.16 6.41 0.26
CA ALA A 25 -0.78 6.28 -1.14
C ALA A 25 -0.89 4.84 -1.61
N PHE A 26 -1.60 4.63 -2.72
CA PHE A 26 -1.78 3.30 -3.27
C PHE A 26 -0.53 2.84 -4.01
N LYS A 27 0.14 3.78 -4.67
CA LYS A 27 1.35 3.48 -5.43
C LYS A 27 2.53 4.30 -4.91
N CYS A 28 3.71 4.01 -5.42
CA CYS A 28 4.92 4.72 -5.01
C CYS A 28 4.84 6.19 -5.42
N MET A 29 5.75 7.00 -4.87
CA MET A 29 5.78 8.42 -5.18
C MET A 29 6.97 8.76 -6.07
N MET A 30 8.08 8.05 -5.87
CA MET A 30 9.29 8.28 -6.65
C MET A 30 9.17 7.62 -8.03
N CYS A 31 9.11 6.30 -8.05
CA CYS A 31 9.00 5.56 -9.30
C CYS A 31 7.53 5.34 -9.67
N ASP A 32 6.64 5.60 -8.72
CA ASP A 32 5.21 5.44 -8.94
C ASP A 32 4.91 4.04 -9.49
N VAL A 33 5.58 3.03 -8.94
CA VAL A 33 5.38 1.65 -9.38
C VAL A 33 4.29 0.96 -8.56
N ARG A 34 3.38 0.30 -9.25
CA ARG A 34 2.28 -0.40 -8.58
C ARG A 34 2.81 -1.33 -7.50
N LYS A 35 2.09 -1.38 -6.37
CA LYS A 35 2.49 -2.23 -5.26
C LYS A 35 1.51 -3.39 -5.07
N GLY A 36 0.23 -3.12 -5.30
CA GLY A 36 -0.78 -4.15 -5.17
C GLY A 36 -0.46 -5.38 -5.98
N THR A 37 -0.08 -6.46 -5.29
CA THR A 37 0.25 -7.72 -5.95
C THR A 37 -0.84 -8.13 -6.93
N SER A 38 -2.04 -8.35 -6.41
CA SER A 38 -3.18 -8.76 -7.24
C SER A 38 -3.73 -7.57 -8.02
N THR A 39 -3.69 -7.67 -9.35
CA THR A 39 -4.19 -6.60 -10.20
C THR A 39 -4.96 -7.18 -11.39
N ARG A 40 -6.00 -6.46 -11.81
CA ARG A 40 -6.83 -6.90 -12.93
C ARG A 40 -5.98 -7.07 -14.19
N LYS A 41 -6.48 -7.87 -15.13
CA LYS A 41 -5.77 -8.13 -16.37
C LYS A 41 -6.06 -7.03 -17.39
N PRO A 42 -5.02 -6.61 -18.12
CA PRO A 42 -5.13 -5.56 -19.14
C PRO A 42 -5.92 -6.03 -20.36
N ARG A 43 -7.25 -5.95 -20.26
CA ARG A 43 -8.12 -6.36 -21.36
C ARG A 43 -9.45 -5.61 -21.30
N PRO A 44 -9.98 -5.25 -22.49
CA PRO A 44 -11.25 -4.53 -22.61
C PRO A 44 -12.44 -5.38 -22.21
N VAL A 45 -13.06 -5.06 -21.07
CA VAL A 45 -14.20 -5.80 -20.59
C VAL A 45 -15.51 -5.06 -20.90
N SER A 46 -16.44 -5.76 -21.53
CA SER A 46 -17.72 -5.17 -21.89
C SER A 46 -18.72 -5.27 -20.74
N GLN A 47 -19.19 -4.12 -20.26
CA GLN A 47 -20.15 -4.08 -19.16
C GLN A 47 -21.45 -3.42 -19.59
N SER A 48 -22.48 -3.56 -18.77
CA SER A 48 -23.78 -2.97 -19.06
C SER A 48 -23.69 -1.46 -19.15
N GLY A 49 -23.31 -0.82 -18.05
CA GLY A 49 -23.18 0.62 -18.02
C GLY A 49 -23.59 1.22 -16.70
N PRO A 50 -24.88 1.59 -16.58
CA PRO A 50 -25.42 2.20 -15.35
C PRO A 50 -25.51 1.18 -14.21
N SER A 51 -24.78 0.07 -14.35
CA SER A 51 -24.78 -0.97 -13.32
C SER A 51 -24.45 -0.38 -11.95
N SER A 52 -24.95 -1.04 -10.90
CA SER A 52 -24.71 -0.58 -9.54
C SER A 52 -24.23 -1.73 -8.66
N GLY A 53 -23.71 -1.39 -7.49
CA GLY A 53 -23.23 -2.41 -6.57
C GLY A 53 -22.40 -1.82 -5.43
ZN ZN B . 9.41 3.28 -5.86
N GLY A 1 12.95 -12.58 9.09
CA GLY A 1 12.71 -11.61 10.15
C GLY A 1 12.02 -10.36 9.65
N SER A 2 11.84 -9.39 10.54
CA SER A 2 11.18 -8.13 10.17
C SER A 2 11.68 -6.98 11.04
N SER A 3 11.48 -5.76 10.57
CA SER A 3 11.91 -4.57 11.30
C SER A 3 11.51 -4.68 12.78
N GLY A 4 10.21 -4.76 13.03
CA GLY A 4 9.72 -4.86 14.38
C GLY A 4 8.25 -4.51 14.51
N SER A 5 7.45 -5.49 14.91
CA SER A 5 6.01 -5.27 15.05
C SER A 5 5.72 -4.08 15.96
N SER A 6 6.40 -4.05 17.10
CA SER A 6 6.21 -2.96 18.06
C SER A 6 6.55 -1.61 17.43
N GLY A 7 5.61 -0.67 17.52
CA GLY A 7 5.84 0.64 16.95
C GLY A 7 4.77 1.01 15.93
N ASP A 8 4.51 2.31 15.80
CA ASP A 8 3.51 2.80 14.85
C ASP A 8 3.86 2.37 13.43
N GLU A 9 2.98 1.57 12.83
CA GLU A 9 3.19 1.08 11.48
C GLU A 9 2.13 1.64 10.53
N GLY A 10 2.57 2.30 9.47
CA GLY A 10 1.64 2.86 8.50
C GLY A 10 2.32 3.30 7.22
N TYR A 11 3.26 2.49 6.75
CA TYR A 11 4.00 2.80 5.53
C TYR A 11 4.57 1.53 4.91
N TRP A 12 4.95 1.63 3.63
CA TRP A 12 5.51 0.48 2.91
C TRP A 12 6.78 0.89 2.18
N ASP A 13 7.84 0.11 2.36
CA ASP A 13 9.12 0.38 1.71
C ASP A 13 9.13 -0.18 0.29
N CYS A 14 9.18 0.72 -0.69
CA CYS A 14 9.20 0.33 -2.09
C CYS A 14 10.36 -0.62 -2.38
N SER A 15 10.29 -1.33 -3.50
CA SER A 15 11.33 -2.26 -3.89
C SER A 15 12.07 -1.78 -5.14
N VAL A 16 11.35 -1.05 -5.99
CA VAL A 16 11.93 -0.53 -7.22
C VAL A 16 12.95 0.57 -6.91
N CYS A 17 12.48 1.67 -6.32
CA CYS A 17 13.35 2.78 -5.98
C CYS A 17 13.64 2.81 -4.48
N THR A 18 13.21 1.76 -3.79
CA THR A 18 13.43 1.65 -2.35
C THR A 18 13.06 2.95 -1.64
N PHE A 19 12.06 3.64 -2.17
CA PHE A 19 11.61 4.90 -1.60
C PHE A 19 10.55 4.65 -0.52
N ARG A 20 10.64 5.40 0.57
CA ARG A 20 9.69 5.26 1.67
C ARG A 20 8.40 6.03 1.39
N ASN A 21 7.30 5.30 1.22
CA ASN A 21 6.01 5.91 0.94
C ASN A 21 5.07 5.76 2.12
N SER A 22 3.86 6.31 1.99
CA SER A 22 2.87 6.24 3.06
C SER A 22 1.80 5.20 2.73
N ALA A 23 1.13 4.71 3.77
CA ALA A 23 0.08 3.71 3.60
C ALA A 23 -1.05 4.26 2.74
N GLU A 24 -1.45 5.49 2.99
CA GLU A 24 -2.52 6.13 2.24
C GLU A 24 -2.26 6.04 0.74
N ALA A 25 -1.05 6.38 0.34
CA ALA A 25 -0.67 6.35 -1.07
C ALA A 25 -0.88 4.96 -1.65
N PHE A 26 -1.69 4.87 -2.71
CA PHE A 26 -1.96 3.59 -3.36
C PHE A 26 -0.72 3.06 -4.07
N LYS A 27 -0.01 3.95 -4.74
CA LYS A 27 1.21 3.57 -5.45
C LYS A 27 2.40 4.43 -5.02
N CYS A 28 3.58 4.06 -5.48
CA CYS A 28 4.79 4.80 -5.15
C CYS A 28 4.72 6.23 -5.66
N MET A 29 5.55 7.11 -5.09
CA MET A 29 5.58 8.50 -5.50
C MET A 29 6.86 8.82 -6.26
N MET A 30 7.93 8.08 -5.96
CA MET A 30 9.21 8.29 -6.61
C MET A 30 9.23 7.62 -7.99
N CYS A 31 9.17 6.30 -8.00
CA CYS A 31 9.18 5.55 -9.25
C CYS A 31 7.76 5.36 -9.78
N ASP A 32 6.79 5.43 -8.88
CA ASP A 32 5.39 5.27 -9.26
C ASP A 32 5.10 3.84 -9.70
N VAL A 33 5.59 2.88 -8.92
CA VAL A 33 5.39 1.47 -9.23
C VAL A 33 4.19 0.90 -8.48
N ARG A 34 3.35 0.15 -9.18
CA ARG A 34 2.17 -0.44 -8.58
C ARG A 34 2.56 -1.34 -7.41
N LYS A 35 1.78 -1.28 -6.34
CA LYS A 35 2.04 -2.10 -5.15
C LYS A 35 1.05 -3.26 -5.07
N GLY A 36 1.31 -4.18 -4.15
CA GLY A 36 0.44 -5.33 -3.98
C GLY A 36 1.17 -6.64 -4.21
N THR A 37 1.27 -7.45 -3.16
CA THR A 37 1.95 -8.74 -3.24
C THR A 37 1.26 -9.65 -4.26
N SER A 38 -0.05 -9.80 -4.11
CA SER A 38 -0.83 -10.65 -5.01
C SER A 38 -0.85 -10.06 -6.42
N THR A 39 -1.06 -8.74 -6.50
CA THR A 39 -1.11 -8.07 -7.78
C THR A 39 -0.05 -8.59 -8.74
N ARG A 40 1.17 -8.72 -8.24
CA ARG A 40 2.28 -9.22 -9.06
C ARG A 40 2.16 -10.72 -9.27
N LYS A 41 2.00 -11.13 -10.53
CA LYS A 41 1.88 -12.54 -10.87
C LYS A 41 2.91 -12.94 -11.91
N PRO A 42 3.30 -14.22 -11.91
CA PRO A 42 4.27 -14.76 -12.86
C PRO A 42 3.73 -14.83 -14.28
N ARG A 43 4.58 -15.22 -15.22
CA ARG A 43 4.18 -15.32 -16.61
C ARG A 43 3.23 -16.50 -16.83
N PRO A 44 2.01 -16.20 -17.27
CA PRO A 44 0.97 -17.21 -17.52
C PRO A 44 1.30 -18.09 -18.72
N VAL A 45 0.35 -18.92 -19.13
CA VAL A 45 0.53 -19.81 -20.26
C VAL A 45 1.01 -19.04 -21.50
N SER A 46 0.40 -17.88 -21.73
CA SER A 46 0.76 -17.05 -22.88
C SER A 46 0.50 -17.79 -24.18
N GLN A 47 -0.69 -18.39 -24.29
CA GLN A 47 -1.07 -19.13 -25.49
C GLN A 47 -2.58 -19.28 -25.57
N SER A 48 -3.08 -19.59 -26.76
CA SER A 48 -4.50 -19.77 -26.99
C SER A 48 -5.13 -20.59 -25.85
N GLY A 49 -4.48 -21.70 -25.51
CA GLY A 49 -4.98 -22.54 -24.44
C GLY A 49 -6.02 -23.54 -24.94
N PRO A 50 -5.55 -24.74 -25.32
CA PRO A 50 -6.44 -25.79 -25.83
C PRO A 50 -7.33 -26.38 -24.73
N SER A 51 -6.88 -26.25 -23.49
CA SER A 51 -7.63 -26.77 -22.35
C SER A 51 -7.58 -25.80 -21.18
N SER A 52 -8.62 -25.83 -20.34
CA SER A 52 -8.68 -24.94 -19.18
C SER A 52 -8.18 -25.66 -17.93
N GLY A 53 -8.02 -24.90 -16.85
CA GLY A 53 -7.54 -25.47 -15.61
C GLY A 53 -8.40 -26.62 -15.12
ZN ZN B . 9.31 3.25 -5.88
N GLY A 1 19.17 10.14 21.60
CA GLY A 1 18.66 9.54 20.39
C GLY A 1 17.16 9.62 20.28
N SER A 2 16.47 8.57 20.73
CA SER A 2 15.01 8.54 20.68
C SER A 2 14.41 8.82 22.05
N SER A 3 13.21 9.37 22.06
CA SER A 3 12.52 9.69 23.31
C SER A 3 11.92 8.44 23.95
N GLY A 4 11.11 7.72 23.17
CA GLY A 4 10.49 6.51 23.68
C GLY A 4 9.90 5.66 22.57
N SER A 5 9.09 4.68 22.95
CA SER A 5 8.46 3.78 21.98
C SER A 5 7.32 4.48 21.26
N SER A 6 7.55 4.87 20.02
CA SER A 6 6.55 5.56 19.22
C SER A 6 5.39 4.62 18.90
N GLY A 7 5.72 3.42 18.42
CA GLY A 7 4.70 2.45 18.07
C GLY A 7 4.98 1.76 16.75
N ASP A 8 3.93 1.32 16.08
CA ASP A 8 4.06 0.64 14.79
C ASP A 8 4.22 1.65 13.66
N GLU A 9 4.64 1.17 12.49
CA GLU A 9 4.83 2.02 11.33
C GLU A 9 3.69 1.84 10.33
N GLY A 10 3.20 2.95 9.79
CA GLY A 10 2.13 2.89 8.82
C GLY A 10 2.57 3.26 7.42
N TYR A 11 3.63 2.60 6.94
CA TYR A 11 4.16 2.86 5.61
C TYR A 11 4.74 1.59 5.00
N TRP A 12 4.70 1.52 3.68
CA TRP A 12 5.22 0.36 2.96
C TRP A 12 6.52 0.70 2.22
N ASP A 13 7.50 -0.19 2.31
CA ASP A 13 8.78 0.02 1.65
C ASP A 13 8.71 -0.38 0.18
N CYS A 14 9.34 0.41 -0.68
CA CYS A 14 9.35 0.14 -2.12
C CYS A 14 10.52 -0.77 -2.49
N SER A 15 10.44 -1.38 -3.66
CA SER A 15 11.49 -2.26 -4.14
C SER A 15 12.16 -1.71 -5.40
N VAL A 16 11.37 -1.02 -6.22
CA VAL A 16 11.88 -0.43 -7.45
C VAL A 16 12.92 0.64 -7.16
N CYS A 17 12.50 1.69 -6.46
CA CYS A 17 13.39 2.78 -6.11
C CYS A 17 13.74 2.76 -4.62
N THR A 18 13.25 1.73 -3.93
CA THR A 18 13.51 1.58 -2.50
C THR A 18 13.14 2.85 -1.74
N PHE A 19 12.12 3.56 -2.24
CA PHE A 19 11.66 4.79 -1.61
C PHE A 19 10.60 4.50 -0.55
N ARG A 20 10.39 5.46 0.34
CA ARG A 20 9.39 5.31 1.41
C ARG A 20 8.12 6.08 1.07
N ASN A 21 7.00 5.35 1.02
CA ASN A 21 5.72 5.97 0.71
C ASN A 21 4.74 5.79 1.86
N SER A 22 3.73 6.67 1.92
CA SER A 22 2.73 6.60 2.98
C SER A 22 1.63 5.62 2.63
N ALA A 23 1.16 4.87 3.63
CA ALA A 23 0.10 3.89 3.42
C ALA A 23 -1.00 4.46 2.55
N GLU A 24 -1.45 5.67 2.86
CA GLU A 24 -2.51 6.31 2.09
C GLU A 24 -2.32 6.08 0.60
N ALA A 25 -1.14 6.44 0.09
CA ALA A 25 -0.84 6.27 -1.33
C ALA A 25 -0.80 4.80 -1.70
N PHE A 26 -1.56 4.44 -2.74
CA PHE A 26 -1.61 3.05 -3.20
C PHE A 26 -0.35 2.70 -4.00
N LYS A 27 0.21 3.69 -4.68
CA LYS A 27 1.41 3.48 -5.48
C LYS A 27 2.55 4.37 -5.00
N CYS A 28 3.78 4.01 -5.36
CA CYS A 28 4.95 4.77 -4.96
C CYS A 28 4.85 6.22 -5.44
N MET A 29 5.68 7.09 -4.86
CA MET A 29 5.68 8.50 -5.23
C MET A 29 6.92 8.84 -6.06
N MET A 30 8.01 8.16 -5.78
CA MET A 30 9.26 8.40 -6.51
C MET A 30 9.22 7.76 -7.88
N CYS A 31 9.19 6.43 -7.91
CA CYS A 31 9.14 5.68 -9.17
C CYS A 31 7.71 5.49 -9.64
N ASP A 32 6.76 5.57 -8.71
CA ASP A 32 5.35 5.40 -9.03
C ASP A 32 5.06 3.98 -9.47
N VAL A 33 5.55 3.01 -8.71
CA VAL A 33 5.35 1.60 -9.04
C VAL A 33 4.12 1.05 -8.33
N ARG A 34 3.50 0.03 -8.92
CA ARG A 34 2.31 -0.59 -8.34
C ARG A 34 2.65 -1.31 -7.04
N LYS A 35 1.73 -1.26 -6.08
CA LYS A 35 1.93 -1.90 -4.79
C LYS A 35 1.06 -3.15 -4.67
N GLY A 36 -0.15 -3.08 -5.21
CA GLY A 36 -1.06 -4.22 -5.14
C GLY A 36 -2.24 -3.96 -4.23
N THR A 37 -3.14 -4.94 -4.14
CA THR A 37 -4.32 -4.82 -3.31
C THR A 37 -4.72 -6.17 -2.71
N SER A 38 -5.06 -6.16 -1.43
CA SER A 38 -5.44 -7.38 -0.73
C SER A 38 -6.70 -7.98 -1.36
N THR A 39 -6.60 -9.24 -1.80
CA THR A 39 -7.72 -9.93 -2.42
C THR A 39 -8.51 -10.73 -1.39
N ARG A 40 -7.80 -11.35 -0.46
CA ARG A 40 -8.43 -12.15 0.58
C ARG A 40 -9.23 -11.27 1.53
N LYS A 41 -10.35 -11.79 2.03
CA LYS A 41 -11.20 -11.05 2.96
C LYS A 41 -10.95 -11.48 4.39
N PRO A 42 -11.29 -10.61 5.35
CA PRO A 42 -11.12 -10.88 6.78
C PRO A 42 -12.07 -11.97 7.28
N ARG A 43 -12.73 -12.64 6.36
CA ARG A 43 -13.67 -13.71 6.71
C ARG A 43 -12.95 -14.84 7.43
N PRO A 44 -13.58 -15.34 8.51
CA PRO A 44 -13.02 -16.43 9.31
C PRO A 44 -13.04 -17.77 8.58
N VAL A 45 -12.09 -18.63 8.90
CA VAL A 45 -12.00 -19.94 8.27
C VAL A 45 -11.83 -19.81 6.76
N SER A 46 -10.92 -18.93 6.35
CA SER A 46 -10.66 -18.71 4.92
C SER A 46 -9.50 -19.57 4.44
N GLN A 47 -8.35 -19.40 5.07
CA GLN A 47 -7.15 -20.17 4.70
C GLN A 47 -7.29 -21.62 5.13
N SER A 48 -7.85 -21.83 6.31
CA SER A 48 -8.03 -23.18 6.84
C SER A 48 -8.95 -23.16 8.06
N GLY A 49 -9.58 -24.30 8.34
CA GLY A 49 -10.48 -24.39 9.48
C GLY A 49 -9.76 -24.77 10.76
N PRO A 50 -9.73 -23.83 11.72
CA PRO A 50 -9.07 -24.04 13.01
C PRO A 50 -9.81 -25.05 13.88
N SER A 51 -10.96 -25.51 13.40
CA SER A 51 -11.75 -26.47 14.14
C SER A 51 -11.27 -27.90 13.87
N SER A 52 -10.06 -28.02 13.36
CA SER A 52 -9.47 -29.32 13.05
C SER A 52 -10.30 -30.05 11.99
N GLY A 53 -10.72 -29.30 10.96
CA GLY A 53 -11.52 -29.89 9.90
C GLY A 53 -11.13 -29.37 8.54
ZN ZN B . 9.39 3.33 -5.76
N GLY A 1 16.88 -8.34 18.27
CA GLY A 1 17.93 -7.39 18.59
C GLY A 1 17.40 -6.11 19.19
N SER A 2 17.73 -4.98 18.55
CA SER A 2 17.27 -3.69 19.03
C SER A 2 15.98 -3.26 18.34
N SER A 3 15.01 -2.79 19.13
CA SER A 3 13.73 -2.36 18.59
C SER A 3 13.23 -1.11 19.31
N GLY A 4 12.13 -0.56 18.81
CA GLY A 4 11.58 0.65 19.42
C GLY A 4 10.90 1.54 18.40
N SER A 5 11.59 1.83 17.31
CA SER A 5 11.06 2.69 16.26
C SER A 5 9.71 2.16 15.76
N SER A 6 9.68 0.88 15.39
CA SER A 6 8.47 0.26 14.88
C SER A 6 7.35 0.36 15.92
N GLY A 7 6.34 1.16 15.61
CA GLY A 7 5.22 1.33 16.51
C GLY A 7 3.89 1.42 15.78
N ASP A 8 3.83 2.27 14.77
CA ASP A 8 2.61 2.44 13.99
C ASP A 8 2.82 2.03 12.54
N GLU A 9 2.11 1.00 12.12
CA GLU A 9 2.23 0.49 10.75
C GLU A 9 1.52 1.42 9.76
N GLY A 10 1.82 1.26 8.48
CA GLY A 10 1.21 2.08 7.47
C GLY A 10 2.11 2.30 6.27
N TYR A 11 3.32 2.78 6.52
CA TYR A 11 4.28 3.03 5.45
C TYR A 11 4.79 1.72 4.86
N TRP A 12 4.91 1.69 3.54
CA TRP A 12 5.38 0.51 2.84
C TRP A 12 6.67 0.80 2.08
N ASP A 13 7.70 -0.01 2.33
CA ASP A 13 8.99 0.16 1.67
C ASP A 13 8.93 -0.34 0.23
N CYS A 14 9.41 0.49 -0.70
CA CYS A 14 9.41 0.12 -2.12
C CYS A 14 10.58 -0.81 -2.43
N SER A 15 10.49 -1.48 -3.58
CA SER A 15 11.54 -2.41 -4.00
C SER A 15 12.26 -1.88 -5.24
N VAL A 16 11.52 -1.17 -6.08
CA VAL A 16 12.08 -0.60 -7.30
C VAL A 16 13.06 0.52 -7.01
N CYS A 17 12.56 1.59 -6.41
CA CYS A 17 13.39 2.74 -6.06
C CYS A 17 13.69 2.76 -4.57
N THR A 18 13.34 1.68 -3.88
CA THR A 18 13.57 1.56 -2.44
C THR A 18 13.18 2.86 -1.73
N PHE A 19 12.18 3.55 -2.26
CA PHE A 19 11.72 4.79 -1.67
C PHE A 19 10.73 4.53 -0.53
N ARG A 20 10.40 5.58 0.22
CA ARG A 20 9.48 5.46 1.34
C ARG A 20 8.13 6.09 1.01
N ASN A 21 7.05 5.39 1.32
CA ASN A 21 5.71 5.89 1.05
C ASN A 21 4.79 5.66 2.25
N SER A 22 3.58 6.20 2.18
CA SER A 22 2.62 6.06 3.26
C SER A 22 1.45 5.17 2.83
N ALA A 23 0.85 4.48 3.80
CA ALA A 23 -0.27 3.60 3.54
C ALA A 23 -1.28 4.25 2.60
N GLU A 24 -1.82 5.40 3.02
CA GLU A 24 -2.79 6.11 2.21
C GLU A 24 -2.38 6.13 0.74
N ALA A 25 -1.08 6.28 0.51
CA ALA A 25 -0.55 6.31 -0.85
C ALA A 25 -0.89 5.04 -1.61
N PHE A 26 -1.72 5.16 -2.64
CA PHE A 26 -2.12 4.01 -3.44
C PHE A 26 -0.91 3.32 -4.06
N LYS A 27 0.00 4.12 -4.61
CA LYS A 27 1.21 3.60 -5.23
C LYS A 27 2.41 4.48 -4.93
N CYS A 28 3.61 4.00 -5.26
CA CYS A 28 4.83 4.74 -5.03
C CYS A 28 4.73 6.15 -5.60
N MET A 29 5.61 7.04 -5.15
CA MET A 29 5.61 8.41 -5.62
C MET A 29 6.90 8.72 -6.38
N MET A 30 7.98 8.06 -6.00
CA MET A 30 9.26 8.25 -6.65
C MET A 30 9.30 7.59 -8.02
N CYS A 31 9.16 6.27 -8.04
CA CYS A 31 9.17 5.52 -9.30
C CYS A 31 7.75 5.33 -9.83
N ASP A 32 6.77 5.56 -8.97
CA ASP A 32 5.38 5.41 -9.34
C ASP A 32 5.07 3.97 -9.76
N VAL A 33 5.60 3.02 -8.99
CA VAL A 33 5.37 1.61 -9.27
C VAL A 33 4.28 1.04 -8.38
N ARG A 34 3.37 0.30 -8.98
CA ARG A 34 2.26 -0.31 -8.25
C ARG A 34 2.79 -1.19 -7.11
N LYS A 35 2.07 -1.19 -5.99
CA LYS A 35 2.46 -1.99 -4.84
C LYS A 35 1.50 -3.16 -4.64
N GLY A 36 0.22 -2.91 -4.88
CA GLY A 36 -0.79 -3.95 -4.72
C GLY A 36 -1.74 -3.66 -3.57
N THR A 37 -2.31 -4.72 -3.01
CA THR A 37 -3.25 -4.58 -1.90
C THR A 37 -2.52 -4.61 -0.56
N SER A 38 -3.08 -3.92 0.42
CA SER A 38 -2.48 -3.88 1.76
C SER A 38 -2.37 -5.28 2.34
N THR A 39 -1.17 -5.60 2.85
CA THR A 39 -0.93 -6.92 3.44
C THR A 39 -1.76 -7.12 4.70
N ARG A 40 -2.16 -6.02 5.33
CA ARG A 40 -2.97 -6.08 6.54
C ARG A 40 -4.41 -5.68 6.25
N LYS A 41 -5.31 -5.97 7.20
CA LYS A 41 -6.71 -5.64 7.05
C LYS A 41 -7.03 -4.27 7.66
N PRO A 42 -7.77 -3.45 6.91
CA PRO A 42 -8.15 -2.10 7.34
C PRO A 42 -9.16 -2.13 8.49
N ARG A 43 -9.36 -3.32 9.06
CA ARG A 43 -10.31 -3.49 10.16
C ARG A 43 -9.58 -3.90 11.43
N PRO A 44 -9.83 -3.16 12.53
CA PRO A 44 -9.21 -3.44 13.83
C PRO A 44 -9.74 -4.72 14.46
N VAL A 45 -8.92 -5.34 15.30
CA VAL A 45 -9.31 -6.57 15.97
C VAL A 45 -9.83 -6.29 17.38
N SER A 46 -10.82 -7.08 17.80
CA SER A 46 -11.41 -6.91 19.12
C SER A 46 -10.51 -7.50 20.20
N GLN A 47 -10.06 -8.74 19.98
CA GLN A 47 -9.19 -9.41 20.94
C GLN A 47 -8.34 -10.46 20.24
N SER A 48 -7.28 -10.90 20.92
CA SER A 48 -6.37 -11.90 20.37
C SER A 48 -6.30 -13.12 21.28
N GLY A 49 -6.49 -14.30 20.70
CA GLY A 49 -6.42 -15.53 21.47
C GLY A 49 -7.02 -15.36 22.86
N PRO A 50 -8.35 -15.47 22.96
CA PRO A 50 -9.06 -15.34 24.23
C PRO A 50 -8.80 -16.51 25.16
N SER A 51 -8.74 -17.71 24.60
CA SER A 51 -8.50 -18.91 25.39
C SER A 51 -7.42 -19.78 24.74
N SER A 52 -6.56 -20.36 25.57
CA SER A 52 -5.48 -21.21 25.08
C SER A 52 -6.01 -22.56 24.62
N GLY A 53 -5.63 -22.95 23.40
CA GLY A 53 -6.08 -24.22 22.86
C GLY A 53 -7.34 -24.07 22.03
ZN ZN B . 9.34 3.12 -5.84
N GLY A 1 -4.35 -0.10 26.35
CA GLY A 1 -5.26 -0.02 27.47
C GLY A 1 -4.74 0.90 28.57
N SER A 2 -4.71 0.38 29.79
CA SER A 2 -4.25 1.16 30.94
C SER A 2 -2.84 1.70 30.69
N SER A 3 -1.94 0.83 30.24
CA SER A 3 -0.57 1.22 29.96
C SER A 3 -0.03 0.49 28.74
N GLY A 4 0.98 1.07 28.10
CA GLY A 4 1.57 0.47 26.92
C GLY A 4 2.18 1.48 25.99
N SER A 5 3.51 1.49 25.91
CA SER A 5 4.23 2.43 25.05
C SER A 5 4.43 1.84 23.66
N SER A 6 4.04 2.60 22.64
CA SER A 6 4.19 2.16 21.26
C SER A 6 4.42 3.34 20.32
N GLY A 7 4.87 3.06 19.11
CA GLY A 7 5.12 4.10 18.14
C GLY A 7 4.08 4.15 17.04
N ASP A 8 4.37 4.89 15.98
CA ASP A 8 3.45 5.00 14.86
C ASP A 8 3.96 4.22 13.65
N GLU A 9 3.07 3.42 13.06
CA GLU A 9 3.44 2.61 11.90
C GLU A 9 2.26 2.50 10.94
N GLY A 10 2.57 2.27 9.66
CA GLY A 10 1.53 2.15 8.66
C GLY A 10 1.99 2.60 7.28
N TYR A 11 3.07 1.99 6.80
CA TYR A 11 3.62 2.33 5.49
C TYR A 11 4.17 1.10 4.79
N TRP A 12 4.59 1.27 3.55
CA TRP A 12 5.16 0.16 2.77
C TRP A 12 6.44 0.59 2.07
N ASP A 13 7.43 -0.30 2.06
CA ASP A 13 8.70 -0.01 1.42
C ASP A 13 8.68 -0.39 -0.05
N CYS A 14 9.33 0.41 -0.88
CA CYS A 14 9.37 0.16 -2.32
C CYS A 14 10.53 -0.77 -2.66
N SER A 15 10.46 -1.38 -3.85
CA SER A 15 11.50 -2.29 -4.30
C SER A 15 12.27 -1.70 -5.49
N VAL A 16 11.57 -0.95 -6.33
CA VAL A 16 12.18 -0.33 -7.49
C VAL A 16 13.17 0.75 -7.09
N CYS A 17 12.66 1.83 -6.49
CA CYS A 17 13.50 2.93 -6.05
C CYS A 17 13.69 2.90 -4.54
N THR A 18 13.18 1.85 -3.91
CA THR A 18 13.29 1.70 -2.46
C THR A 18 12.89 2.98 -1.74
N PHE A 19 11.94 3.71 -2.33
CA PHE A 19 11.47 4.97 -1.74
C PHE A 19 10.30 4.71 -0.80
N ARG A 20 10.45 5.18 0.44
CA ARG A 20 9.40 4.99 1.44
C ARG A 20 8.20 5.90 1.14
N ASN A 21 7.02 5.29 1.10
CA ASN A 21 5.79 6.03 0.82
C ASN A 21 4.80 5.90 1.98
N SER A 22 3.76 6.72 1.96
CA SER A 22 2.74 6.70 3.00
C SER A 22 1.62 5.74 2.65
N ALA A 23 1.08 5.06 3.66
CA ALA A 23 0.01 4.10 3.45
C ALA A 23 -1.08 4.69 2.55
N GLU A 24 -1.47 5.92 2.84
CA GLU A 24 -2.52 6.58 2.06
C GLU A 24 -2.20 6.50 0.56
N ALA A 25 -0.91 6.48 0.23
CA ALA A 25 -0.49 6.40 -1.16
C ALA A 25 -0.61 4.98 -1.69
N PHE A 26 -1.51 4.79 -2.65
CA PHE A 26 -1.74 3.48 -3.24
C PHE A 26 -0.45 2.94 -3.86
N LYS A 27 0.22 3.77 -4.64
CA LYS A 27 1.46 3.37 -5.30
C LYS A 27 2.61 4.29 -4.87
N CYS A 28 3.83 3.92 -5.26
CA CYS A 28 5.00 4.71 -4.92
C CYS A 28 4.84 6.16 -5.35
N MET A 29 5.75 7.01 -4.91
CA MET A 29 5.70 8.43 -5.25
C MET A 29 6.88 8.81 -6.14
N MET A 30 8.01 8.15 -5.93
CA MET A 30 9.22 8.43 -6.72
C MET A 30 9.14 7.75 -8.08
N CYS A 31 9.11 6.42 -8.07
CA CYS A 31 9.04 5.65 -9.31
C CYS A 31 7.59 5.39 -9.71
N ASP A 32 6.68 5.54 -8.74
CA ASP A 32 5.26 5.32 -9.00
C ASP A 32 4.99 3.87 -9.40
N VAL A 33 5.57 2.94 -8.64
CA VAL A 33 5.39 1.52 -8.92
C VAL A 33 4.25 0.93 -8.09
N ARG A 34 3.52 -0.01 -8.67
CA ARG A 34 2.40 -0.65 -7.99
C ARG A 34 2.89 -1.38 -6.74
N LYS A 35 2.04 -1.39 -5.71
CA LYS A 35 2.37 -2.06 -4.46
C LYS A 35 1.52 -3.31 -4.25
N GLY A 36 1.77 -4.02 -3.16
CA GLY A 36 1.02 -5.23 -2.87
C GLY A 36 0.91 -6.15 -4.07
N THR A 37 2.04 -6.35 -4.75
CA THR A 37 2.06 -7.22 -5.93
C THR A 37 2.57 -8.61 -5.57
N SER A 38 3.69 -8.67 -4.86
CA SER A 38 4.28 -9.94 -4.45
C SER A 38 3.25 -10.79 -3.70
N THR A 39 2.54 -10.16 -2.77
CA THR A 39 1.54 -10.85 -1.97
C THR A 39 0.45 -11.46 -2.86
N ARG A 40 0.14 -12.73 -2.62
CA ARG A 40 -0.89 -13.42 -3.40
C ARG A 40 -2.05 -13.86 -2.51
N LYS A 41 -3.21 -13.27 -2.73
CA LYS A 41 -4.40 -13.60 -1.96
C LYS A 41 -5.30 -14.57 -2.72
N PRO A 42 -5.84 -15.57 -2.00
CA PRO A 42 -6.73 -16.57 -2.59
C PRO A 42 -8.09 -15.98 -2.98
N ARG A 43 -8.21 -15.57 -4.23
CA ARG A 43 -9.45 -15.00 -4.73
C ARG A 43 -10.32 -16.06 -5.37
N PRO A 44 -11.60 -16.12 -4.96
CA PRO A 44 -12.56 -17.10 -5.48
C PRO A 44 -12.95 -16.81 -6.93
N VAL A 45 -12.72 -15.57 -7.36
CA VAL A 45 -13.03 -15.18 -8.73
C VAL A 45 -11.91 -14.34 -9.33
N SER A 46 -11.65 -14.54 -10.62
CA SER A 46 -10.61 -13.81 -11.32
C SER A 46 -11.09 -12.40 -11.70
N GLN A 47 -12.12 -12.35 -12.53
CA GLN A 47 -12.68 -11.07 -12.96
C GLN A 47 -13.94 -10.73 -12.18
N SER A 48 -14.44 -9.51 -12.37
CA SER A 48 -15.64 -9.06 -11.68
C SER A 48 -16.44 -8.11 -12.56
N GLY A 49 -17.60 -7.69 -12.06
CA GLY A 49 -18.46 -6.79 -12.82
C GLY A 49 -17.81 -5.43 -13.03
N PRO A 50 -17.49 -4.74 -11.92
CA PRO A 50 -16.86 -3.41 -11.97
C PRO A 50 -15.42 -3.47 -12.48
N SER A 51 -15.01 -4.65 -12.94
CA SER A 51 -13.65 -4.82 -13.45
C SER A 51 -13.35 -3.82 -14.55
N SER A 52 -14.39 -3.17 -15.07
CA SER A 52 -14.23 -2.18 -16.12
C SER A 52 -13.40 -0.99 -15.63
N GLY A 53 -12.14 -0.94 -16.08
CA GLY A 53 -11.26 0.14 -15.67
C GLY A 53 -9.86 -0.34 -15.39
ZN ZN B . 9.54 3.37 -5.87
N GLY A 1 10.39 0.96 18.32
CA GLY A 1 10.04 2.21 18.98
C GLY A 1 9.08 2.02 20.12
N SER A 2 8.80 3.09 20.85
CA SER A 2 7.88 3.04 21.98
C SER A 2 6.81 4.13 21.88
N SER A 3 5.57 3.75 22.12
CA SER A 3 4.46 4.69 22.05
C SER A 3 4.47 5.44 20.72
N GLY A 4 4.78 4.73 19.64
CA GLY A 4 4.82 5.35 18.33
C GLY A 4 5.46 6.72 18.36
N SER A 5 6.71 6.78 18.82
CA SER A 5 7.45 8.04 18.90
C SER A 5 8.03 8.42 17.53
N SER A 6 8.59 7.43 16.85
CA SER A 6 9.19 7.68 15.53
C SER A 6 8.10 7.82 14.47
N GLY A 7 7.14 6.91 14.47
CA GLY A 7 6.06 6.96 13.51
C GLY A 7 4.95 5.97 13.82
N ASP A 8 4.15 5.66 12.82
CA ASP A 8 3.04 4.72 12.99
C ASP A 8 3.15 3.55 12.02
N GLU A 9 2.25 2.58 12.15
CA GLU A 9 2.26 1.42 11.27
C GLU A 9 1.36 1.65 10.05
N GLY A 10 1.91 1.40 8.88
CA GLY A 10 1.15 1.58 7.65
C GLY A 10 2.03 1.80 6.44
N TYR A 11 3.05 2.66 6.59
CA TYR A 11 3.96 2.95 5.50
C TYR A 11 4.58 1.67 4.95
N TRP A 12 4.70 1.61 3.62
CA TRP A 12 5.27 0.44 2.96
C TRP A 12 6.57 0.80 2.25
N ASP A 13 7.58 -0.05 2.41
CA ASP A 13 8.88 0.18 1.77
C ASP A 13 8.87 -0.31 0.34
N CYS A 14 8.99 0.63 -0.61
CA CYS A 14 8.99 0.28 -2.02
C CYS A 14 10.14 -0.66 -2.36
N SER A 15 10.03 -1.34 -3.50
CA SER A 15 11.06 -2.28 -3.92
C SER A 15 11.75 -1.80 -5.19
N VAL A 16 10.99 -1.11 -6.05
CA VAL A 16 11.53 -0.58 -7.30
C VAL A 16 12.64 0.43 -7.05
N CYS A 17 12.29 1.52 -6.37
CA CYS A 17 13.24 2.57 -6.06
C CYS A 17 13.56 2.59 -4.56
N THR A 18 13.01 1.63 -3.83
CA THR A 18 13.23 1.54 -2.39
C THR A 18 12.90 2.86 -1.70
N PHE A 19 11.90 3.56 -2.24
CA PHE A 19 11.48 4.84 -1.68
C PHE A 19 10.43 4.63 -0.59
N ARG A 20 10.52 5.43 0.47
CA ARG A 20 9.57 5.33 1.58
C ARG A 20 8.28 6.06 1.26
N ASN A 21 7.19 5.32 1.15
CA ASN A 21 5.89 5.89 0.84
C ASN A 21 4.97 5.86 2.07
N SER A 22 3.77 6.40 1.91
CA SER A 22 2.80 6.44 3.00
C SER A 22 1.67 5.44 2.76
N ALA A 23 1.17 4.85 3.83
CA ALA A 23 0.08 3.88 3.74
C ALA A 23 -1.05 4.40 2.86
N GLU A 24 -1.43 5.65 3.08
CA GLU A 24 -2.50 6.27 2.31
C GLU A 24 -2.25 6.10 0.80
N ALA A 25 -1.02 6.33 0.39
CA ALA A 25 -0.65 6.21 -1.02
C ALA A 25 -0.62 4.75 -1.45
N PHE A 26 -1.43 4.42 -2.46
CA PHE A 26 -1.50 3.06 -2.97
C PHE A 26 -0.24 2.71 -3.76
N LYS A 27 0.20 3.63 -4.61
CA LYS A 27 1.39 3.43 -5.42
C LYS A 27 2.55 4.27 -4.91
N CYS A 28 3.71 4.11 -5.55
CA CYS A 28 4.90 4.86 -5.16
C CYS A 28 4.83 6.30 -5.65
N MET A 29 5.66 7.17 -5.08
CA MET A 29 5.68 8.56 -5.46
C MET A 29 6.94 8.89 -6.29
N MET A 30 8.02 8.16 -6.00
CA MET A 30 9.28 8.37 -6.72
C MET A 30 9.26 7.63 -8.05
N CYS A 31 9.17 6.30 -7.99
CA CYS A 31 9.14 5.47 -9.19
C CYS A 31 7.73 5.37 -9.74
N ASP A 32 6.75 5.69 -8.92
CA ASP A 32 5.35 5.63 -9.34
C ASP A 32 5.00 4.27 -9.91
N VAL A 33 5.47 3.22 -9.23
CA VAL A 33 5.22 1.85 -9.67
C VAL A 33 4.28 1.12 -8.71
N ARG A 34 3.41 0.28 -9.26
CA ARG A 34 2.46 -0.48 -8.46
C ARG A 34 3.18 -1.21 -7.32
N LYS A 35 2.49 -1.35 -6.19
CA LYS A 35 3.05 -2.03 -5.04
C LYS A 35 2.37 -3.38 -4.81
N GLY A 36 1.06 -3.42 -5.08
CA GLY A 36 0.31 -4.65 -4.90
C GLY A 36 1.11 -5.88 -5.24
N THR A 37 0.87 -6.97 -4.53
CA THR A 37 1.58 -8.22 -4.74
C THR A 37 1.34 -8.75 -6.16
N SER A 38 0.11 -8.59 -6.63
CA SER A 38 -0.26 -9.05 -7.97
C SER A 38 -1.23 -8.08 -8.63
N THR A 39 -1.00 -7.80 -9.92
CA THR A 39 -1.86 -6.89 -10.66
C THR A 39 -2.97 -7.65 -11.38
N ARG A 40 -4.21 -7.34 -11.01
CA ARG A 40 -5.37 -7.99 -11.63
C ARG A 40 -5.51 -7.58 -13.09
N LYS A 41 -5.76 -8.56 -13.96
CA LYS A 41 -5.93 -8.30 -15.37
C LYS A 41 -7.40 -8.33 -15.77
N PRO A 42 -7.87 -7.25 -16.42
CA PRO A 42 -9.26 -7.14 -16.87
C PRO A 42 -9.58 -8.09 -18.01
N ARG A 43 -10.83 -8.56 -18.06
CA ARG A 43 -11.27 -9.48 -19.10
C ARG A 43 -11.28 -8.79 -20.46
N PRO A 44 -10.64 -9.43 -21.46
CA PRO A 44 -10.57 -8.90 -22.82
C PRO A 44 -11.92 -8.93 -23.53
N VAL A 45 -12.81 -9.79 -23.06
CA VAL A 45 -14.15 -9.91 -23.64
C VAL A 45 -15.14 -8.99 -22.94
N SER A 46 -15.01 -8.88 -21.62
CA SER A 46 -15.90 -8.03 -20.84
C SER A 46 -15.77 -6.56 -21.26
N GLN A 47 -16.86 -5.82 -21.13
CA GLN A 47 -16.87 -4.41 -21.51
C GLN A 47 -16.00 -4.16 -22.73
N SER A 48 -15.93 -5.15 -23.62
CA SER A 48 -15.13 -5.04 -24.83
C SER A 48 -15.87 -5.64 -26.02
N GLY A 49 -15.37 -5.36 -27.22
CA GLY A 49 -15.98 -5.88 -28.42
C GLY A 49 -16.39 -4.79 -29.39
N PRO A 50 -16.42 -5.12 -30.69
CA PRO A 50 -16.78 -4.18 -31.75
C PRO A 50 -18.26 -3.80 -31.70
N SER A 51 -18.53 -2.50 -31.65
CA SER A 51 -19.91 -2.01 -31.60
C SER A 51 -20.64 -2.56 -30.38
N SER A 52 -19.95 -2.58 -29.25
CA SER A 52 -20.53 -3.08 -28.01
C SER A 52 -20.56 -1.99 -26.94
N GLY A 53 -21.71 -1.82 -26.31
CA GLY A 53 -21.86 -0.81 -25.28
C GLY A 53 -21.56 0.58 -25.80
ZN ZN B . 9.34 3.22 -5.79
N GLY A 1 5.00 11.92 16.74
CA GLY A 1 6.00 11.50 15.78
C GLY A 1 5.54 11.67 14.34
N SER A 2 6.16 10.93 13.43
CA SER A 2 5.81 11.01 12.02
C SER A 2 4.67 10.06 11.69
N SER A 3 4.71 8.87 12.27
CA SER A 3 3.68 7.86 12.04
C SER A 3 2.37 8.25 12.72
N GLY A 4 2.43 8.47 14.03
CA GLY A 4 1.25 8.85 14.78
C GLY A 4 1.32 8.41 16.23
N SER A 5 0.42 8.95 17.05
CA SER A 5 0.38 8.60 18.46
C SER A 5 0.09 7.12 18.66
N SER A 6 -1.06 6.67 18.15
CA SER A 6 -1.45 5.28 18.27
C SER A 6 -0.24 4.36 18.21
N GLY A 7 0.55 4.50 17.13
CA GLY A 7 1.73 3.67 16.98
C GLY A 7 1.44 2.40 16.22
N ASP A 8 1.21 2.52 14.92
CA ASP A 8 0.92 1.36 14.08
C ASP A 8 1.65 1.46 12.75
N GLU A 9 2.17 0.32 12.28
CA GLU A 9 2.89 0.28 11.01
C GLU A 9 1.92 0.39 9.83
N GLY A 10 2.34 1.14 8.81
CA GLY A 10 1.50 1.32 7.65
C GLY A 10 2.30 1.61 6.39
N TYR A 11 3.31 2.46 6.52
CA TYR A 11 4.17 2.82 5.39
C TYR A 11 4.80 1.58 4.77
N TRP A 12 4.74 1.51 3.44
CA TRP A 12 5.31 0.38 2.72
C TRP A 12 6.62 0.76 2.03
N ASP A 13 7.66 -0.01 2.27
CA ASP A 13 8.97 0.25 1.67
C ASP A 13 9.02 -0.27 0.25
N CYS A 14 9.10 0.65 -0.72
CA CYS A 14 9.16 0.28 -2.13
C CYS A 14 10.32 -0.67 -2.39
N SER A 15 10.27 -1.34 -3.54
CA SER A 15 11.31 -2.29 -3.91
C SER A 15 12.08 -1.80 -5.14
N VAL A 16 11.38 -1.10 -6.02
CA VAL A 16 12.00 -0.57 -7.23
C VAL A 16 13.01 0.53 -6.90
N CYS A 17 12.52 1.62 -6.31
CA CYS A 17 13.38 2.73 -5.95
C CYS A 17 13.62 2.76 -4.45
N THR A 18 13.15 1.74 -3.75
CA THR A 18 13.31 1.64 -2.31
C THR A 18 12.91 2.95 -1.62
N PHE A 19 11.95 3.65 -2.21
CA PHE A 19 11.48 4.92 -1.66
C PHE A 19 10.40 4.68 -0.60
N ARG A 20 10.45 5.46 0.47
CA ARG A 20 9.49 5.34 1.56
C ARG A 20 8.22 6.13 1.24
N ASN A 21 7.08 5.44 1.24
CA ASN A 21 5.81 6.08 0.95
C ASN A 21 4.84 5.91 2.12
N SER A 22 3.76 6.69 2.11
CA SER A 22 2.76 6.63 3.17
C SER A 22 1.74 5.53 2.90
N ALA A 23 1.17 4.99 3.97
CA ALA A 23 0.18 3.93 3.85
C ALA A 23 -0.97 4.35 2.94
N GLU A 24 -1.44 5.58 3.12
CA GLU A 24 -2.54 6.11 2.32
C GLU A 24 -2.24 5.97 0.83
N ALA A 25 -1.00 6.28 0.45
CA ALA A 25 -0.58 6.20 -0.94
C ALA A 25 -0.65 4.76 -1.44
N PHE A 26 -1.45 4.54 -2.49
CA PHE A 26 -1.61 3.21 -3.07
C PHE A 26 -0.38 2.84 -3.91
N LYS A 27 0.09 3.78 -4.72
CA LYS A 27 1.25 3.56 -5.57
C LYS A 27 2.41 4.45 -5.15
N CYS A 28 3.63 3.99 -5.42
CA CYS A 28 4.83 4.75 -5.08
C CYS A 28 4.74 6.17 -5.63
N MET A 29 5.57 7.06 -5.08
CA MET A 29 5.59 8.45 -5.53
C MET A 29 6.88 8.76 -6.28
N MET A 30 7.95 8.05 -5.93
CA MET A 30 9.24 8.25 -6.57
C MET A 30 9.27 7.58 -7.95
N CYS A 31 9.24 6.25 -7.94
CA CYS A 31 9.26 5.48 -9.18
C CYS A 31 7.86 5.34 -9.76
N ASP A 32 6.85 5.48 -8.91
CA ASP A 32 5.46 5.37 -9.33
C ASP A 32 5.15 3.96 -9.82
N VAL A 33 5.60 2.96 -9.05
CA VAL A 33 5.37 1.57 -9.40
C VAL A 33 4.19 1.00 -8.63
N ARG A 34 3.41 0.15 -9.29
CA ARG A 34 2.25 -0.48 -8.68
C ARG A 34 2.65 -1.25 -7.43
N LYS A 35 1.80 -1.23 -6.41
CA LYS A 35 2.06 -1.94 -5.16
C LYS A 35 1.22 -3.21 -5.07
N GLY A 36 1.41 -3.96 -3.98
CA GLY A 36 0.66 -5.19 -3.80
C GLY A 36 -0.80 -5.04 -4.18
N THR A 37 -1.64 -4.75 -3.19
CA THR A 37 -3.07 -4.59 -3.43
C THR A 37 -3.52 -3.17 -3.13
N SER A 38 -4.79 -2.88 -3.41
CA SER A 38 -5.34 -1.55 -3.18
C SER A 38 -6.38 -1.58 -2.07
N THR A 39 -6.68 -0.41 -1.52
CA THR A 39 -7.66 -0.31 -0.43
C THR A 39 -8.69 0.78 -0.74
N ARG A 40 -9.92 0.56 -0.27
CA ARG A 40 -10.99 1.52 -0.49
C ARG A 40 -12.19 1.21 0.39
N LYS A 41 -13.17 2.11 0.40
CA LYS A 41 -14.37 1.92 1.21
C LYS A 41 -15.59 2.54 0.52
N PRO A 42 -16.63 1.72 0.31
CA PRO A 42 -17.87 2.16 -0.33
C PRO A 42 -18.67 3.12 0.54
N ARG A 43 -19.40 4.02 -0.10
CA ARG A 43 -20.21 5.00 0.62
C ARG A 43 -21.15 4.31 1.60
N PRO A 44 -20.94 4.58 2.90
CA PRO A 44 -21.75 3.99 3.97
C PRO A 44 -23.17 4.54 3.99
N VAL A 45 -23.29 5.84 3.75
CA VAL A 45 -24.60 6.50 3.75
C VAL A 45 -24.75 7.39 2.51
N SER A 46 -25.76 7.10 1.71
CA SER A 46 -26.02 7.87 0.49
C SER A 46 -27.43 8.47 0.51
N GLN A 47 -27.69 9.37 -0.43
CA GLN A 47 -29.00 10.02 -0.51
C GLN A 47 -29.51 10.02 -1.94
N SER A 48 -30.77 9.64 -2.11
CA SER A 48 -31.38 9.60 -3.45
C SER A 48 -30.53 8.76 -4.41
N GLY A 49 -30.05 7.63 -3.91
CA GLY A 49 -29.23 6.76 -4.73
C GLY A 49 -30.02 5.60 -5.30
N PRO A 50 -29.65 5.18 -6.52
CA PRO A 50 -30.32 4.07 -7.21
C PRO A 50 -30.02 2.73 -6.55
N SER A 51 -30.92 1.75 -6.77
CA SER A 51 -30.76 0.43 -6.19
C SER A 51 -29.99 -0.48 -7.14
N SER A 52 -30.55 -0.71 -8.32
CA SER A 52 -29.92 -1.57 -9.31
C SER A 52 -29.01 -0.75 -10.24
N GLY A 53 -29.57 0.28 -10.84
CA GLY A 53 -28.79 1.12 -11.73
C GLY A 53 -27.90 0.32 -12.66
ZN ZN B . 9.32 3.29 -5.85
N GLY A 1 -4.64 17.19 20.08
CA GLY A 1 -3.96 16.20 20.90
C GLY A 1 -4.28 14.78 20.48
N SER A 2 -5.29 14.19 21.11
CA SER A 2 -5.70 12.83 20.81
C SER A 2 -6.15 12.70 19.36
N SER A 3 -5.60 11.73 18.65
CA SER A 3 -5.95 11.52 17.25
C SER A 3 -7.28 10.78 17.12
N GLY A 4 -7.41 9.68 17.85
CA GLY A 4 -8.64 8.91 17.81
C GLY A 4 -8.51 7.65 16.97
N SER A 5 -7.97 7.80 15.77
CA SER A 5 -7.79 6.67 14.86
C SER A 5 -6.60 5.82 15.28
N SER A 6 -6.67 4.53 15.01
CA SER A 6 -5.59 3.61 15.35
C SER A 6 -4.75 3.26 14.12
N GLY A 7 -3.44 3.45 14.24
CA GLY A 7 -2.55 3.16 13.13
C GLY A 7 -1.12 2.98 13.59
N ASP A 8 -0.68 1.73 13.67
CA ASP A 8 0.68 1.41 14.09
C ASP A 8 1.66 1.60 12.94
N GLU A 9 1.46 0.83 11.87
CA GLU A 9 2.32 0.91 10.70
C GLU A 9 1.52 1.20 9.44
N GLY A 10 2.01 2.11 8.61
CA GLY A 10 1.33 2.46 7.39
C GLY A 10 2.26 2.51 6.18
N TYR A 11 3.40 3.14 6.35
CA TYR A 11 4.38 3.25 5.28
C TYR A 11 4.76 1.88 4.74
N TRP A 12 5.13 1.84 3.46
CA TRP A 12 5.51 0.58 2.82
C TRP A 12 6.79 0.75 2.01
N ASP A 13 7.82 -0.01 2.37
CA ASP A 13 9.10 0.06 1.67
C ASP A 13 8.95 -0.36 0.21
N CYS A 14 9.39 0.51 -0.69
CA CYS A 14 9.29 0.24 -2.12
C CYS A 14 10.27 -0.86 -2.53
N SER A 15 10.10 -1.37 -3.74
CA SER A 15 10.96 -2.43 -4.25
C SER A 15 11.82 -1.94 -5.41
N VAL A 16 11.26 -1.03 -6.19
CA VAL A 16 11.97 -0.46 -7.33
C VAL A 16 12.97 0.60 -6.88
N CYS A 17 12.47 1.67 -6.29
CA CYS A 17 13.32 2.76 -5.81
C CYS A 17 13.46 2.71 -4.30
N THR A 18 12.93 1.65 -3.69
CA THR A 18 12.99 1.49 -2.24
C THR A 18 12.70 2.80 -1.52
N PHE A 19 11.86 3.64 -2.14
CA PHE A 19 11.51 4.93 -1.55
C PHE A 19 10.46 4.76 -0.46
N ARG A 20 10.58 5.57 0.59
CA ARG A 20 9.64 5.52 1.70
C ARG A 20 8.30 6.14 1.32
N ASN A 21 7.25 5.31 1.29
CA ASN A 21 5.93 5.78 0.93
C ASN A 21 4.96 5.61 2.10
N SER A 22 3.83 6.31 2.03
CA SER A 22 2.83 6.25 3.09
C SER A 22 1.75 5.22 2.75
N ALA A 23 1.04 4.75 3.76
CA ALA A 23 -0.02 3.77 3.57
C ALA A 23 -1.12 4.32 2.66
N GLU A 24 -1.55 5.55 2.94
CA GLU A 24 -2.59 6.19 2.15
C GLU A 24 -2.32 6.03 0.65
N ALA A 25 -1.09 6.36 0.25
CA ALA A 25 -0.70 6.24 -1.15
C ALA A 25 -0.62 4.78 -1.59
N PHE A 26 -1.52 4.40 -2.50
CA PHE A 26 -1.56 3.03 -2.99
C PHE A 26 -0.31 2.71 -3.81
N LYS A 27 0.13 3.68 -4.60
CA LYS A 27 1.32 3.51 -5.43
C LYS A 27 2.45 4.41 -4.96
N CYS A 28 3.67 4.11 -5.39
CA CYS A 28 4.84 4.90 -5.01
C CYS A 28 4.78 6.29 -5.62
N MET A 29 5.56 7.21 -5.06
CA MET A 29 5.58 8.58 -5.56
C MET A 29 6.88 8.87 -6.32
N MET A 30 7.96 8.19 -5.90
CA MET A 30 9.26 8.37 -6.54
C MET A 30 9.28 7.69 -7.91
N CYS A 31 9.22 6.36 -7.91
CA CYS A 31 9.24 5.59 -9.14
C CYS A 31 7.83 5.44 -9.71
N ASP A 32 6.83 5.52 -8.83
CA ASP A 32 5.45 5.38 -9.24
C ASP A 32 5.15 3.96 -9.71
N VAL A 33 5.61 2.98 -8.94
CA VAL A 33 5.39 1.58 -9.27
C VAL A 33 4.18 1.02 -8.53
N ARG A 34 3.48 0.09 -9.17
CA ARG A 34 2.30 -0.52 -8.57
C ARG A 34 2.67 -1.29 -7.30
N LYS A 35 1.79 -1.26 -6.31
CA LYS A 35 2.03 -1.95 -5.05
C LYS A 35 1.18 -3.22 -4.96
N GLY A 36 1.72 -4.23 -4.26
CA GLY A 36 1.00 -5.47 -4.11
C GLY A 36 1.71 -6.45 -3.20
N THR A 37 1.73 -6.13 -1.90
CA THR A 37 2.40 -6.99 -0.91
C THR A 37 1.41 -7.95 -0.28
N SER A 38 0.19 -7.47 -0.04
CA SER A 38 -0.85 -8.28 0.58
C SER A 38 -1.80 -8.84 -0.48
N THR A 39 -2.23 -10.09 -0.29
CA THR A 39 -3.15 -10.73 -1.22
C THR A 39 -4.39 -9.87 -1.46
N ARG A 40 -4.96 -9.36 -0.37
CA ARG A 40 -6.16 -8.53 -0.47
C ARG A 40 -5.90 -7.32 -1.37
N LYS A 41 -6.47 -7.35 -2.57
CA LYS A 41 -6.31 -6.26 -3.53
C LYS A 41 -6.81 -4.94 -2.94
N PRO A 42 -6.18 -3.83 -3.36
CA PRO A 42 -6.54 -2.49 -2.88
C PRO A 42 -7.90 -2.04 -3.40
N ARG A 43 -8.89 -2.05 -2.52
CA ARG A 43 -10.24 -1.65 -2.89
C ARG A 43 -10.51 -0.19 -2.51
N PRO A 44 -10.99 0.60 -3.47
CA PRO A 44 -11.29 2.02 -3.26
C PRO A 44 -12.49 2.23 -2.34
N VAL A 45 -12.68 3.47 -1.90
CA VAL A 45 -13.79 3.80 -1.02
C VAL A 45 -14.46 5.11 -1.45
N SER A 46 -15.78 5.08 -1.54
CA SER A 46 -16.55 6.26 -1.94
C SER A 46 -16.62 7.27 -0.81
N GLN A 47 -16.92 6.78 0.38
CA GLN A 47 -17.03 7.64 1.56
C GLN A 47 -16.40 6.98 2.78
N SER A 48 -15.51 7.71 3.45
CA SER A 48 -14.84 7.19 4.64
C SER A 48 -15.66 7.45 5.89
N GLY A 49 -15.94 6.40 6.64
CA GLY A 49 -16.71 6.54 7.86
C GLY A 49 -17.00 5.20 8.52
N PRO A 50 -16.47 5.02 9.74
CA PRO A 50 -16.66 3.78 10.51
C PRO A 50 -18.10 3.61 11.00
N SER A 51 -18.50 2.37 11.22
CA SER A 51 -19.85 2.08 11.70
C SER A 51 -20.05 2.57 13.12
N SER A 52 -19.26 2.04 14.04
CA SER A 52 -19.35 2.43 15.45
C SER A 52 -18.55 3.70 15.72
N GLY A 53 -17.33 3.73 15.18
CA GLY A 53 -16.47 4.89 15.38
C GLY A 53 -15.07 4.50 15.80
ZN ZN B . 9.29 3.51 -5.73
N GLY A 1 -9.39 4.28 24.87
CA GLY A 1 -9.70 3.92 23.50
C GLY A 1 -10.09 2.47 23.35
N SER A 2 -11.18 2.22 22.64
CA SER A 2 -11.67 0.85 22.43
C SER A 2 -10.84 0.14 21.36
N SER A 3 -10.58 0.85 20.27
CA SER A 3 -9.80 0.29 19.16
C SER A 3 -9.20 1.40 18.30
N GLY A 4 -8.25 1.04 17.45
CA GLY A 4 -7.61 2.00 16.59
C GLY A 4 -6.15 2.24 16.95
N SER A 5 -5.26 2.05 15.98
CA SER A 5 -3.83 2.24 16.21
C SER A 5 -3.45 3.71 16.08
N SER A 6 -2.42 4.12 16.82
CA SER A 6 -1.96 5.50 16.80
C SER A 6 -1.23 5.81 15.49
N GLY A 7 -0.17 5.05 15.22
CA GLY A 7 0.60 5.25 14.01
C GLY A 7 1.93 4.53 14.05
N ASP A 8 1.90 3.24 14.36
CA ASP A 8 3.12 2.45 14.43
C ASP A 8 3.60 2.06 13.04
N GLU A 9 2.76 1.33 12.30
CA GLU A 9 3.09 0.91 10.95
C GLU A 9 2.17 1.55 9.92
N GLY A 10 2.70 1.79 8.73
CA GLY A 10 1.92 2.41 7.68
C GLY A 10 2.65 2.46 6.36
N TYR A 11 3.66 3.33 6.27
CA TYR A 11 4.43 3.46 5.05
C TYR A 11 5.07 2.14 4.65
N TRP A 12 5.23 1.92 3.34
CA TRP A 12 5.83 0.69 2.83
C TRP A 12 7.07 1.00 2.02
N ASP A 13 8.16 0.30 2.33
CA ASP A 13 9.42 0.49 1.61
C ASP A 13 9.36 -0.14 0.22
N CYS A 14 9.42 0.71 -0.81
CA CYS A 14 9.38 0.22 -2.18
C CYS A 14 10.42 -0.87 -2.41
N SER A 15 10.31 -1.54 -3.56
CA SER A 15 11.24 -2.61 -3.90
C SER A 15 12.17 -2.18 -5.01
N VAL A 16 11.65 -1.42 -5.97
CA VAL A 16 12.44 -0.95 -7.09
C VAL A 16 13.31 0.24 -6.69
N CYS A 17 12.66 1.33 -6.30
CA CYS A 17 13.37 2.53 -5.88
C CYS A 17 13.65 2.52 -4.38
N THR A 18 12.98 1.61 -3.67
CA THR A 18 13.16 1.47 -2.23
C THR A 18 12.91 2.81 -1.53
N PHE A 19 11.94 3.57 -2.04
CA PHE A 19 11.61 4.86 -1.46
C PHE A 19 10.54 4.72 -0.39
N ARG A 20 10.36 5.77 0.41
CA ARG A 20 9.38 5.76 1.48
C ARG A 20 8.02 6.22 0.97
N ASN A 21 7.03 5.34 1.06
CA ASN A 21 5.67 5.65 0.60
C ASN A 21 4.65 5.39 1.70
N SER A 22 3.77 6.37 1.93
CA SER A 22 2.74 6.25 2.96
C SER A 22 1.76 5.13 2.60
N ALA A 23 1.17 4.52 3.64
CA ALA A 23 0.22 3.44 3.44
C ALA A 23 -0.97 3.90 2.58
N GLU A 24 -1.48 5.08 2.89
CA GLU A 24 -2.61 5.63 2.15
C GLU A 24 -2.32 5.67 0.66
N ALA A 25 -1.07 5.98 0.31
CA ALA A 25 -0.67 6.06 -1.09
C ALA A 25 -0.82 4.70 -1.77
N PHE A 26 -1.78 4.61 -2.68
CA PHE A 26 -2.03 3.37 -3.41
C PHE A 26 -0.78 2.92 -4.15
N LYS A 27 -0.05 3.88 -4.71
CA LYS A 27 1.18 3.58 -5.45
C LYS A 27 2.34 4.40 -4.92
N CYS A 28 3.55 4.07 -5.38
CA CYS A 28 4.75 4.79 -4.96
C CYS A 28 4.74 6.22 -5.47
N MET A 29 5.55 7.07 -4.85
CA MET A 29 5.65 8.47 -5.25
C MET A 29 6.97 8.76 -5.94
N MET A 30 7.96 7.91 -5.70
CA MET A 30 9.28 8.07 -6.31
C MET A 30 9.29 7.50 -7.72
N CYS A 31 9.11 6.19 -7.83
CA CYS A 31 9.11 5.52 -9.13
C CYS A 31 7.69 5.40 -9.67
N ASP A 32 6.71 5.65 -8.82
CA ASP A 32 5.31 5.57 -9.21
C ASP A 32 4.94 4.15 -9.65
N VAL A 33 5.54 3.16 -8.98
CA VAL A 33 5.27 1.77 -9.28
C VAL A 33 4.07 1.25 -8.50
N ARG A 34 3.26 0.42 -9.15
CA ARG A 34 2.07 -0.15 -8.52
C ARG A 34 2.42 -0.81 -7.19
N LYS A 35 1.50 -0.75 -6.24
CA LYS A 35 1.72 -1.34 -4.92
C LYS A 35 0.84 -2.57 -4.74
N GLY A 36 1.45 -3.66 -4.27
CA GLY A 36 0.70 -4.88 -4.05
C GLY A 36 -0.71 -4.62 -3.56
N THR A 37 -0.84 -3.79 -2.54
CA THR A 37 -2.15 -3.46 -1.99
C THR A 37 -3.03 -2.78 -3.02
N SER A 38 -4.33 -3.08 -2.97
CA SER A 38 -5.29 -2.50 -3.91
C SER A 38 -5.77 -1.13 -3.42
N THR A 39 -6.53 -0.45 -4.27
CA THR A 39 -7.05 0.87 -3.93
C THR A 39 -8.44 0.76 -3.30
N ARG A 40 -8.82 1.77 -2.53
CA ARG A 40 -10.12 1.79 -1.88
C ARG A 40 -11.25 1.85 -2.90
N LYS A 41 -12.35 1.15 -2.61
CA LYS A 41 -13.49 1.12 -3.51
C LYS A 41 -13.96 2.53 -3.85
N PRO A 42 -14.37 2.73 -5.11
CA PRO A 42 -14.85 4.04 -5.59
C PRO A 42 -16.19 4.42 -4.97
N ARG A 43 -16.78 5.50 -5.49
CA ARG A 43 -18.06 5.97 -4.98
C ARG A 43 -19.19 5.62 -5.95
N PRO A 44 -19.97 4.58 -5.58
CA PRO A 44 -21.09 4.11 -6.41
C PRO A 44 -22.24 5.10 -6.42
N VAL A 45 -22.38 5.82 -7.54
CA VAL A 45 -23.45 6.80 -7.70
C VAL A 45 -24.82 6.15 -7.52
N SER A 46 -25.10 5.16 -8.35
CA SER A 46 -26.39 4.46 -8.30
C SER A 46 -26.21 3.06 -7.71
N GLN A 47 -26.78 2.84 -6.54
CA GLN A 47 -26.70 1.55 -5.88
C GLN A 47 -28.07 0.89 -5.78
N SER A 48 -28.12 -0.40 -6.05
CA SER A 48 -29.37 -1.15 -5.99
C SER A 48 -30.11 -0.87 -4.69
N GLY A 49 -29.41 -1.04 -3.57
CA GLY A 49 -30.03 -0.79 -2.28
C GLY A 49 -31.04 -1.86 -1.91
N PRO A 50 -31.50 -1.83 -0.65
CA PRO A 50 -32.49 -2.79 -0.13
C PRO A 50 -33.87 -2.57 -0.75
N SER A 51 -34.35 -1.34 -0.70
CA SER A 51 -35.65 -0.99 -1.25
C SER A 51 -35.54 0.11 -2.29
N SER A 52 -36.59 0.28 -3.08
CA SER A 52 -36.62 1.30 -4.13
C SER A 52 -37.47 2.49 -3.71
N GLY A 53 -37.03 3.69 -4.09
CA GLY A 53 -37.77 4.89 -3.75
C GLY A 53 -37.29 5.52 -2.45
ZN ZN B . 9.12 3.23 -5.75
#